data_3HTC
# 
_entry.id   3HTC 
# 
_audit_conform.dict_name       mmcif_pdbx.dic 
_audit_conform.dict_version    5.387 
_audit_conform.dict_location   http://mmcif.pdb.org/dictionaries/ascii/mmcif_pdbx.dic 
# 
loop_
_database_2.database_id 
_database_2.database_code 
_database_2.pdbx_database_accession 
_database_2.pdbx_DOI 
PDB   3HTC         pdb_00003htc 10.2210/pdb3htc/pdb 
WWPDB D_1000179008 ?            ?                   
# 
loop_
_pdbx_audit_revision_history.ordinal 
_pdbx_audit_revision_history.data_content_type 
_pdbx_audit_revision_history.major_revision 
_pdbx_audit_revision_history.minor_revision 
_pdbx_audit_revision_history.revision_date 
1 'Structure model' 1 0 1994-01-31 
2 'Structure model' 1 1 2008-03-03 
3 'Structure model' 1 2 2011-07-13 
4 'Structure model' 1 3 2024-02-21 
# 
_pdbx_audit_revision_details.ordinal             1 
_pdbx_audit_revision_details.revision_ordinal    1 
_pdbx_audit_revision_details.data_content_type   'Structure model' 
_pdbx_audit_revision_details.provider            repository 
_pdbx_audit_revision_details.type                'Initial release' 
_pdbx_audit_revision_details.description         ? 
_pdbx_audit_revision_details.details             ? 
# 
loop_
_pdbx_audit_revision_group.ordinal 
_pdbx_audit_revision_group.revision_ordinal 
_pdbx_audit_revision_group.data_content_type 
_pdbx_audit_revision_group.group 
1 2 'Structure model' 'Version format compliance' 
2 3 'Structure model' 'Version format compliance' 
3 4 'Structure model' 'Data collection'           
4 4 'Structure model' 'Database references'       
5 4 'Structure model' Other                       
# 
loop_
_pdbx_audit_revision_category.ordinal 
_pdbx_audit_revision_category.revision_ordinal 
_pdbx_audit_revision_category.data_content_type 
_pdbx_audit_revision_category.category 
1 4 'Structure model' chem_comp_atom       
2 4 'Structure model' chem_comp_bond       
3 4 'Structure model' database_2           
4 4 'Structure model' pdbx_database_status 
5 4 'Structure model' struct_ref_seq_dif   
# 
loop_
_pdbx_audit_revision_item.ordinal 
_pdbx_audit_revision_item.revision_ordinal 
_pdbx_audit_revision_item.data_content_type 
_pdbx_audit_revision_item.item 
1 4 'Structure model' '_database_2.pdbx_DOI'                
2 4 'Structure model' '_database_2.pdbx_database_accession' 
3 4 'Structure model' '_pdbx_database_status.process_site'  
4 4 'Structure model' '_struct_ref_seq_dif.details'         
# 
_pdbx_database_status.status_code                     REL 
_pdbx_database_status.entry_id                        3HTC 
_pdbx_database_status.recvd_initial_deposition_date   1993-06-11 
_pdbx_database_status.deposit_site                    ? 
_pdbx_database_status.process_site                    BNL 
_pdbx_database_status.SG_entry                        . 
_pdbx_database_status.status_code_sf                  ? 
_pdbx_database_status.status_code_mr                  ? 
_pdbx_database_status.pdb_format_compatible           Y 
_pdbx_database_status.status_code_cs                  ? 
_pdbx_database_status.status_code_nmr_data            ? 
_pdbx_database_status.methods_development_category    ? 
# 
loop_
_audit_author.name 
_audit_author.pdbx_ordinal 
'Tulinsky, A.'       1 
'Rydel, T.J.'        2 
'Ravichandran, K.G.' 3 
'Huber, R.'          4 
'Bode, W.'           5 
# 
loop_
_citation.id 
_citation.title 
_citation.journal_abbrev 
_citation.journal_volume 
_citation.page_first 
_citation.page_last 
_citation.year 
_citation.journal_id_ASTM 
_citation.country 
_citation.journal_id_ISSN 
_citation.journal_id_CSD 
_citation.book_publisher 
_citation.pdbx_database_id_PubMed 
_citation.pdbx_database_id_DOI 
primary 'The structure of a complex of recombinant hirudin and human alpha-thrombin.' Science                    249 277  280 1990 
SCIEAS US 0036-8075 0038 ? 2374926 ? 
1       
;The Refined 1.9 Angstroms Crystal Structure of Human Alpha-Thrombin: Interaction with D-Phe-Pro-Arg Chloromethylketone and Significance of the Tyr-Pro-Pro-Trp Insertion Segment
;
'Embo J.'                  8   3467 ?   1989 EMJODG UK 0261-4189 0897 ? ?       ? 
2       'Experience with Various Techniques for the Refinement of Protein Structures' 'Methods Enzymol.'         115 303  ?   1985 
MENZAU US 0076-6879 0878 ? ?       ? 
3       'Refinement of Large Structures by Simultaneous Minimization of Energy and R Factor' 'Acta Crystallogr.,Sect.A' 34  931  ? 
1978 ACACEQ DK 0108-7673 0621 ? ?       ? 
# 
loop_
_citation_author.citation_id 
_citation_author.name 
_citation_author.ordinal 
_citation_author.identifier_ORCID 
primary 'Rydel, T.J.'        1  ? 
primary 'Ravichandran, K.G.' 2  ? 
primary 'Tulinsky, A.'       3  ? 
primary 'Bode, W.'           4  ? 
primary 'Huber, R.'          5  ? 
primary 'Roitsch, C.'        6  ? 
primary 'Fenton 2nd., J.W.'  7  ? 
1       'Bode, W.'           8  ? 
1       'Mayr, I.'           9  ? 
1       'Baumann, U.'        10 ? 
1       'Huber, R.'          11 ? 
1       'Stone, S.R.'        12 ? 
1       'Hofsteenge, J.'     13 ? 
2       'Deisenhofer, J.'    14 ? 
2       'Remington, S.J.'    15 ? 
2       'Steigemann, W.'     16 ? 
3       'Jack, A.'           17 ? 
3       'Levitt, M.'         18 ? 
# 
loop_
_entity.id 
_entity.type 
_entity.src_method 
_entity.pdbx_description 
_entity.formula_weight 
_entity.pdbx_number_of_molecules 
_entity.pdbx_ec 
_entity.pdbx_mutation 
_entity.pdbx_fragment 
_entity.details 
1 polymer man 'ALPHA-THROMBIN (SMALL SUBUNIT)' 4096.534  1 3.4.21.5 ? ? ? 
2 polymer man 'ALPHA-THROMBIN (LARGE SUBUNIT)' 29780.219 1 3.4.21.5 ? ? ? 
3 polymer man 'HIRUDIN VARIANT 2'              6917.509  1 ?        ? ? ? 
# 
loop_
_entity_poly.entity_id 
_entity_poly.type 
_entity_poly.nstd_linkage 
_entity_poly.nstd_monomer 
_entity_poly.pdbx_seq_one_letter_code 
_entity_poly.pdbx_seq_one_letter_code_can 
_entity_poly.pdbx_strand_id 
_entity_poly.pdbx_target_identifier 
1 'polypeptide(L)' no no TFGSGEADCGLRPLFEKKSLEDKTERELLESYIDGR TFGSGEADCGLRPLFEKKSLEDKTERELLESYIDGR L ? 
2 'polypeptide(L)' no no 
;IVEGSDAEIGMSPWQVMLFRKSPQELLCGASLISDRWVLTAAHCLLYPPWDKNFTENDLLVRIGKHSRTRYERNIEKISM
LEKIYIHPRYNWRENLDRDIALMKLKKPVAFSDYIHPVCLPDRETAASLLQAGYKGRVTGWGNLKETWTANVGKGQPSVL
QVVNLPIVERPVCKDSTRIRITDNMFCAGYKPDEGKRGDACEGDSGGPFVMKSPFNNRWYQMGIVSWGEGCDRDGKYGFY
THVFRLKKWIQKVIDQFGE
;
;IVEGSDAEIGMSPWQVMLFRKSPQELLCGASLISDRWVLTAAHCLLYPPWDKNFTENDLLVRIGKHSRTRYERNIEKISM
LEKIYIHPRYNWRENLDRDIALMKLKKPVAFSDYIHPVCLPDRETAASLLQAGYKGRVTGWGNLKETWTANVGKGQPSVL
QVVNLPIVERPVCKDSTRIRITDNMFCAGYKPDEGKRGDACEGDSGGPFVMKSPFNNRWYQMGIVSWGEGCDRDGKYGFY
THVFRLKKWIQKVIDQFGE
;
H ? 
3 'polypeptide(L)' no no ITYTDCTESGQNLCLCEGSNVCGKGNKCILGSNGKGNQCVTGEGTPKPESHNNGDFEEIPEEYLQ 
ITYTDCTESGQNLCLCEGSNVCGKGNKCILGSNGKGNQCVTGEGTPKPESHNNGDFEEIPEEYLQ I ? 
# 
loop_
_entity_poly_seq.entity_id 
_entity_poly_seq.num 
_entity_poly_seq.mon_id 
_entity_poly_seq.hetero 
1 1   THR n 
1 2   PHE n 
1 3   GLY n 
1 4   SER n 
1 5   GLY n 
1 6   GLU n 
1 7   ALA n 
1 8   ASP n 
1 9   CYS n 
1 10  GLY n 
1 11  LEU n 
1 12  ARG n 
1 13  PRO n 
1 14  LEU n 
1 15  PHE n 
1 16  GLU n 
1 17  LYS n 
1 18  LYS n 
1 19  SER n 
1 20  LEU n 
1 21  GLU n 
1 22  ASP n 
1 23  LYS n 
1 24  THR n 
1 25  GLU n 
1 26  ARG n 
1 27  GLU n 
1 28  LEU n 
1 29  LEU n 
1 30  GLU n 
1 31  SER n 
1 32  TYR n 
1 33  ILE n 
1 34  ASP n 
1 35  GLY n 
1 36  ARG n 
2 1   ILE n 
2 2   VAL n 
2 3   GLU n 
2 4   GLY n 
2 5   SER n 
2 6   ASP n 
2 7   ALA n 
2 8   GLU n 
2 9   ILE n 
2 10  GLY n 
2 11  MET n 
2 12  SER n 
2 13  PRO n 
2 14  TRP n 
2 15  GLN n 
2 16  VAL n 
2 17  MET n 
2 18  LEU n 
2 19  PHE n 
2 20  ARG n 
2 21  LYS n 
2 22  SER n 
2 23  PRO n 
2 24  GLN n 
2 25  GLU n 
2 26  LEU n 
2 27  LEU n 
2 28  CYS n 
2 29  GLY n 
2 30  ALA n 
2 31  SER n 
2 32  LEU n 
2 33  ILE n 
2 34  SER n 
2 35  ASP n 
2 36  ARG n 
2 37  TRP n 
2 38  VAL n 
2 39  LEU n 
2 40  THR n 
2 41  ALA n 
2 42  ALA n 
2 43  HIS n 
2 44  CYS n 
2 45  LEU n 
2 46  LEU n 
2 47  TYR n 
2 48  PRO n 
2 49  PRO n 
2 50  TRP n 
2 51  ASP n 
2 52  LYS n 
2 53  ASN n 
2 54  PHE n 
2 55  THR n 
2 56  GLU n 
2 57  ASN n 
2 58  ASP n 
2 59  LEU n 
2 60  LEU n 
2 61  VAL n 
2 62  ARG n 
2 63  ILE n 
2 64  GLY n 
2 65  LYS n 
2 66  HIS n 
2 67  SER n 
2 68  ARG n 
2 69  THR n 
2 70  ARG n 
2 71  TYR n 
2 72  GLU n 
2 73  ARG n 
2 74  ASN n 
2 75  ILE n 
2 76  GLU n 
2 77  LYS n 
2 78  ILE n 
2 79  SER n 
2 80  MET n 
2 81  LEU n 
2 82  GLU n 
2 83  LYS n 
2 84  ILE n 
2 85  TYR n 
2 86  ILE n 
2 87  HIS n 
2 88  PRO n 
2 89  ARG n 
2 90  TYR n 
2 91  ASN n 
2 92  TRP n 
2 93  ARG n 
2 94  GLU n 
2 95  ASN n 
2 96  LEU n 
2 97  ASP n 
2 98  ARG n 
2 99  ASP n 
2 100 ILE n 
2 101 ALA n 
2 102 LEU n 
2 103 MET n 
2 104 LYS n 
2 105 LEU n 
2 106 LYS n 
2 107 LYS n 
2 108 PRO n 
2 109 VAL n 
2 110 ALA n 
2 111 PHE n 
2 112 SER n 
2 113 ASP n 
2 114 TYR n 
2 115 ILE n 
2 116 HIS n 
2 117 PRO n 
2 118 VAL n 
2 119 CYS n 
2 120 LEU n 
2 121 PRO n 
2 122 ASP n 
2 123 ARG n 
2 124 GLU n 
2 125 THR n 
2 126 ALA n 
2 127 ALA n 
2 128 SER n 
2 129 LEU n 
2 130 LEU n 
2 131 GLN n 
2 132 ALA n 
2 133 GLY n 
2 134 TYR n 
2 135 LYS n 
2 136 GLY n 
2 137 ARG n 
2 138 VAL n 
2 139 THR n 
2 140 GLY n 
2 141 TRP n 
2 142 GLY n 
2 143 ASN n 
2 144 LEU n 
2 145 LYS n 
2 146 GLU n 
2 147 THR n 
2 148 TRP n 
2 149 THR n 
2 150 ALA n 
2 151 ASN n 
2 152 VAL n 
2 153 GLY n 
2 154 LYS n 
2 155 GLY n 
2 156 GLN n 
2 157 PRO n 
2 158 SER n 
2 159 VAL n 
2 160 LEU n 
2 161 GLN n 
2 162 VAL n 
2 163 VAL n 
2 164 ASN n 
2 165 LEU n 
2 166 PRO n 
2 167 ILE n 
2 168 VAL n 
2 169 GLU n 
2 170 ARG n 
2 171 PRO n 
2 172 VAL n 
2 173 CYS n 
2 174 LYS n 
2 175 ASP n 
2 176 SER n 
2 177 THR n 
2 178 ARG n 
2 179 ILE n 
2 180 ARG n 
2 181 ILE n 
2 182 THR n 
2 183 ASP n 
2 184 ASN n 
2 185 MET n 
2 186 PHE n 
2 187 CYS n 
2 188 ALA n 
2 189 GLY n 
2 190 TYR n 
2 191 LYS n 
2 192 PRO n 
2 193 ASP n 
2 194 GLU n 
2 195 GLY n 
2 196 LYS n 
2 197 ARG n 
2 198 GLY n 
2 199 ASP n 
2 200 ALA n 
2 201 CYS n 
2 202 GLU n 
2 203 GLY n 
2 204 ASP n 
2 205 SER n 
2 206 GLY n 
2 207 GLY n 
2 208 PRO n 
2 209 PHE n 
2 210 VAL n 
2 211 MET n 
2 212 LYS n 
2 213 SER n 
2 214 PRO n 
2 215 PHE n 
2 216 ASN n 
2 217 ASN n 
2 218 ARG n 
2 219 TRP n 
2 220 TYR n 
2 221 GLN n 
2 222 MET n 
2 223 GLY n 
2 224 ILE n 
2 225 VAL n 
2 226 SER n 
2 227 TRP n 
2 228 GLY n 
2 229 GLU n 
2 230 GLY n 
2 231 CYS n 
2 232 ASP n 
2 233 ARG n 
2 234 ASP n 
2 235 GLY n 
2 236 LYS n 
2 237 TYR n 
2 238 GLY n 
2 239 PHE n 
2 240 TYR n 
2 241 THR n 
2 242 HIS n 
2 243 VAL n 
2 244 PHE n 
2 245 ARG n 
2 246 LEU n 
2 247 LYS n 
2 248 LYS n 
2 249 TRP n 
2 250 ILE n 
2 251 GLN n 
2 252 LYS n 
2 253 VAL n 
2 254 ILE n 
2 255 ASP n 
2 256 GLN n 
2 257 PHE n 
2 258 GLY n 
2 259 GLU n 
3 1   ILE n 
3 2   THR n 
3 3   TYR n 
3 4   THR n 
3 5   ASP n 
3 6   CYS n 
3 7   THR n 
3 8   GLU n 
3 9   SER n 
3 10  GLY n 
3 11  GLN n 
3 12  ASN n 
3 13  LEU n 
3 14  CYS n 
3 15  LEU n 
3 16  CYS n 
3 17  GLU n 
3 18  GLY n 
3 19  SER n 
3 20  ASN n 
3 21  VAL n 
3 22  CYS n 
3 23  GLY n 
3 24  LYS n 
3 25  GLY n 
3 26  ASN n 
3 27  LYS n 
3 28  CYS n 
3 29  ILE n 
3 30  LEU n 
3 31  GLY n 
3 32  SER n 
3 33  ASN n 
3 34  GLY n 
3 35  LYS n 
3 36  GLY n 
3 37  ASN n 
3 38  GLN n 
3 39  CYS n 
3 40  VAL n 
3 41  THR n 
3 42  GLY n 
3 43  GLU n 
3 44  GLY n 
3 45  THR n 
3 46  PRO n 
3 47  LYS n 
3 48  PRO n 
3 49  GLU n 
3 50  SER n 
3 51  HIS n 
3 52  ASN n 
3 53  ASN n 
3 54  GLY n 
3 55  ASP n 
3 56  PHE n 
3 57  GLU n 
3 58  GLU n 
3 59  ILE n 
3 60  PRO n 
3 61  GLU n 
3 62  GLU n 
3 63  TYR n 
3 64  LEU n 
3 65  GLN n 
# 
loop_
_entity_src_gen.entity_id 
_entity_src_gen.pdbx_src_id 
_entity_src_gen.pdbx_alt_source_flag 
_entity_src_gen.pdbx_seq_type 
_entity_src_gen.pdbx_beg_seq_num 
_entity_src_gen.pdbx_end_seq_num 
_entity_src_gen.gene_src_common_name 
_entity_src_gen.gene_src_genus 
_entity_src_gen.pdbx_gene_src_gene 
_entity_src_gen.gene_src_species 
_entity_src_gen.gene_src_strain 
_entity_src_gen.gene_src_tissue 
_entity_src_gen.gene_src_tissue_fraction 
_entity_src_gen.gene_src_details 
_entity_src_gen.pdbx_gene_src_fragment 
_entity_src_gen.pdbx_gene_src_scientific_name 
_entity_src_gen.pdbx_gene_src_ncbi_taxonomy_id 
_entity_src_gen.pdbx_gene_src_variant 
_entity_src_gen.pdbx_gene_src_cell_line 
_entity_src_gen.pdbx_gene_src_atcc 
_entity_src_gen.pdbx_gene_src_organ 
_entity_src_gen.pdbx_gene_src_organelle 
_entity_src_gen.pdbx_gene_src_cell 
_entity_src_gen.pdbx_gene_src_cellular_location 
_entity_src_gen.host_org_common_name 
_entity_src_gen.pdbx_host_org_scientific_name 
_entity_src_gen.pdbx_host_org_ncbi_taxonomy_id 
_entity_src_gen.host_org_genus 
_entity_src_gen.pdbx_host_org_gene 
_entity_src_gen.pdbx_host_org_organ 
_entity_src_gen.host_org_species 
_entity_src_gen.pdbx_host_org_tissue 
_entity_src_gen.pdbx_host_org_tissue_fraction 
_entity_src_gen.pdbx_host_org_strain 
_entity_src_gen.pdbx_host_org_variant 
_entity_src_gen.pdbx_host_org_cell_line 
_entity_src_gen.pdbx_host_org_atcc 
_entity_src_gen.pdbx_host_org_culture_collection 
_entity_src_gen.pdbx_host_org_cell 
_entity_src_gen.pdbx_host_org_organelle 
_entity_src_gen.pdbx_host_org_cellular_location 
_entity_src_gen.pdbx_host_org_vector_type 
_entity_src_gen.pdbx_host_org_vector 
_entity_src_gen.host_org_details 
_entity_src_gen.expression_system_id 
_entity_src_gen.plasmid_name 
_entity_src_gen.plasmid_details 
_entity_src_gen.pdbx_description 
1 1 sample ? ? ? human Homo        ? ? ? ? ? ? ? 'Homo sapiens'            9606 ? ? ? ? ? ? ? ? ? ? ? ? ? ? ? ? ? ? ? ? ? ? ? ? ? 
? ? ? ? ? ? 
2 1 sample ? ? ? human Homo        ? ? ? ? ? ? ? 'Homo sapiens'            9606 ? ? ? ? ? ? ? ? ? ? ? ? ? ? ? ? ? ? ? ? ? ? ? ? ? 
? ? ? ? ? ? 
3 1 sample ? ? ? ?     Hirudinaria ? ? ? ? ? ? ? 'Hirudinaria manillensis' 6419 ? ? ? ? ? ? ? ? ? ? ? ? ? ? ? ? ? ? ? ? ? ? ? ? ? 
? ? ? ? ? ? 
# 
loop_
_chem_comp.id 
_chem_comp.type 
_chem_comp.mon_nstd_flag 
_chem_comp.name 
_chem_comp.pdbx_synonyms 
_chem_comp.formula 
_chem_comp.formula_weight 
ALA 'L-peptide linking' y ALANINE         ? 'C3 H7 N O2'     89.093  
ARG 'L-peptide linking' y ARGININE        ? 'C6 H15 N4 O2 1' 175.209 
ASN 'L-peptide linking' y ASPARAGINE      ? 'C4 H8 N2 O3'    132.118 
ASP 'L-peptide linking' y 'ASPARTIC ACID' ? 'C4 H7 N O4'     133.103 
CYS 'L-peptide linking' y CYSTEINE        ? 'C3 H7 N O2 S'   121.158 
GLN 'L-peptide linking' y GLUTAMINE       ? 'C5 H10 N2 O3'   146.144 
GLU 'L-peptide linking' y 'GLUTAMIC ACID' ? 'C5 H9 N O4'     147.129 
GLY 'peptide linking'   y GLYCINE         ? 'C2 H5 N O2'     75.067  
HIS 'L-peptide linking' y HISTIDINE       ? 'C6 H10 N3 O2 1' 156.162 
ILE 'L-peptide linking' y ISOLEUCINE      ? 'C6 H13 N O2'    131.173 
LEU 'L-peptide linking' y LEUCINE         ? 'C6 H13 N O2'    131.173 
LYS 'L-peptide linking' y LYSINE          ? 'C6 H15 N2 O2 1' 147.195 
MET 'L-peptide linking' y METHIONINE      ? 'C5 H11 N O2 S'  149.211 
PHE 'L-peptide linking' y PHENYLALANINE   ? 'C9 H11 N O2'    165.189 
PRO 'L-peptide linking' y PROLINE         ? 'C5 H9 N O2'     115.130 
SER 'L-peptide linking' y SERINE          ? 'C3 H7 N O3'     105.093 
THR 'L-peptide linking' y THREONINE       ? 'C4 H9 N O3'     119.119 
TRP 'L-peptide linking' y TRYPTOPHAN      ? 'C11 H12 N2 O2'  204.225 
TYR 'L-peptide linking' y TYROSINE        ? 'C9 H11 N O3'    181.189 
VAL 'L-peptide linking' y VALINE          ? 'C5 H11 N O2'    117.146 
# 
loop_
_pdbx_poly_seq_scheme.asym_id 
_pdbx_poly_seq_scheme.entity_id 
_pdbx_poly_seq_scheme.seq_id 
_pdbx_poly_seq_scheme.mon_id 
_pdbx_poly_seq_scheme.ndb_seq_num 
_pdbx_poly_seq_scheme.pdb_seq_num 
_pdbx_poly_seq_scheme.auth_seq_num 
_pdbx_poly_seq_scheme.pdb_mon_id 
_pdbx_poly_seq_scheme.auth_mon_id 
_pdbx_poly_seq_scheme.pdb_strand_id 
_pdbx_poly_seq_scheme.pdb_ins_code 
_pdbx_poly_seq_scheme.hetero 
A 1 1   THR 1   1   ?   ?   ?   L H n 
A 1 2   PHE 2   1   ?   ?   ?   L G n 
A 1 3   GLY 3   1   1   GLY GLY L F n 
A 1 4   SER 4   1   1   SER SER L E n 
A 1 5   GLY 5   1   1   GLY GLY L D n 
A 1 6   GLU 6   1   1   GLU GLU L C n 
A 1 7   ALA 7   1   1   ALA ALA L B n 
A 1 8   ASP 8   1   1   ASP ASP L A n 
A 1 9   CYS 9   1   1   CYS CYS L . n 
A 1 10  GLY 10  2   2   GLY GLY L . n 
A 1 11  LEU 11  3   3   LEU LEU L . n 
A 1 12  ARG 12  4   4   ARG ARG L . n 
A 1 13  PRO 13  5   5   PRO PRO L . n 
A 1 14  LEU 14  6   6   LEU LEU L . n 
A 1 15  PHE 15  7   7   PHE PHE L . n 
A 1 16  GLU 16  8   8   GLU GLU L . n 
A 1 17  LYS 17  9   9   LYS LYS L . n 
A 1 18  LYS 18  10  10  LYS LYS L . n 
A 1 19  SER 19  11  11  SER SER L . n 
A 1 20  LEU 20  12  12  LEU LEU L . n 
A 1 21  GLU 21  13  13  GLU GLU L . n 
A 1 22  ASP 22  14  14  ASP ASP L . n 
A 1 23  LYS 23  14  14  LYS LYS L A n 
A 1 24  THR 24  14  14  THR THR L B n 
A 1 25  GLU 25  14  14  GLU GLU L C n 
A 1 26  ARG 26  14  14  ARG ARG L D n 
A 1 27  GLU 27  14  14  GLU GLU L E n 
A 1 28  LEU 28  14  14  LEU LEU L F n 
A 1 29  LEU 29  14  14  LEU LEU L G n 
A 1 30  GLU 30  14  14  GLU GLU L H n 
A 1 31  SER 31  14  14  SER SER L I n 
A 1 32  TYR 32  14  14  TYR TYR L J n 
A 1 33  ILE 33  14  14  ILE ILE L K n 
A 1 34  ASP 34  14  14  ASP ASP L L n 
A 1 35  GLY 35  14  14  GLY GLY L M n 
A 1 36  ARG 36  15  15  ARG ARG L . n 
B 2 1   ILE 1   16  16  ILE ILE H . n 
B 2 2   VAL 2   17  17  VAL VAL H . n 
B 2 3   GLU 3   18  18  GLU GLU H . n 
B 2 4   GLY 4   19  19  GLY GLY H . n 
B 2 5   SER 5   20  20  SER SER H . n 
B 2 6   ASP 6   21  21  ASP ASP H . n 
B 2 7   ALA 7   22  22  ALA ALA H . n 
B 2 8   GLU 8   23  23  GLU GLU H . n 
B 2 9   ILE 9   24  24  ILE ILE H . n 
B 2 10  GLY 10  25  25  GLY GLY H . n 
B 2 11  MET 11  26  26  MET MET H . n 
B 2 12  SER 12  27  27  SER SER H . n 
B 2 13  PRO 13  28  28  PRO PRO H . n 
B 2 14  TRP 14  29  29  TRP TRP H . n 
B 2 15  GLN 15  30  30  GLN GLN H . n 
B 2 16  VAL 16  31  31  VAL VAL H . n 
B 2 17  MET 17  32  32  MET MET H . n 
B 2 18  LEU 18  33  33  LEU LEU H . n 
B 2 19  PHE 19  34  34  PHE PHE H . n 
B 2 20  ARG 20  35  35  ARG ARG H . n 
B 2 21  LYS 21  36  36  LYS LYS H . n 
B 2 22  SER 22  36  36  SER SER H A n 
B 2 23  PRO 23  37  37  PRO PRO H . n 
B 2 24  GLN 24  38  38  GLN GLN H . n 
B 2 25  GLU 25  39  39  GLU GLU H . n 
B 2 26  LEU 26  40  40  LEU LEU H . n 
B 2 27  LEU 27  41  41  LEU LEU H . n 
B 2 28  CYS 28  42  42  CYS CYS H . n 
B 2 29  GLY 29  43  43  GLY GLY H . n 
B 2 30  ALA 30  44  44  ALA ALA H . n 
B 2 31  SER 31  45  45  SER SER H . n 
B 2 32  LEU 32  46  46  LEU LEU H . n 
B 2 33  ILE 33  47  47  ILE ILE H . n 
B 2 34  SER 34  48  48  SER SER H . n 
B 2 35  ASP 35  49  49  ASP ASP H . n 
B 2 36  ARG 36  50  50  ARG ARG H . n 
B 2 37  TRP 37  51  51  TRP TRP H . n 
B 2 38  VAL 38  52  52  VAL VAL H . n 
B 2 39  LEU 39  53  53  LEU LEU H . n 
B 2 40  THR 40  54  54  THR THR H . n 
B 2 41  ALA 41  55  55  ALA ALA H . n 
B 2 42  ALA 42  56  56  ALA ALA H . n 
B 2 43  HIS 43  57  57  HIS HIS H . n 
B 2 44  CYS 44  58  58  CYS CYS H . n 
B 2 45  LEU 45  59  59  LEU LEU H . n 
B 2 46  LEU 46  60  60  LEU LEU H . n 
B 2 47  TYR 47  60  60  TYR TYR H A n 
B 2 48  PRO 48  60  60  PRO PRO H B n 
B 2 49  PRO 49  60  60  PRO PRO H C n 
B 2 50  TRP 50  60  60  TRP TRP H D n 
B 2 51  ASP 51  60  60  ASP ASP H E n 
B 2 52  LYS 52  60  60  LYS LYS H F n 
B 2 53  ASN 53  60  60  ASN ASN H G n 
B 2 54  PHE 54  60  60  PHE PHE H H n 
B 2 55  THR 55  60  60  THR THR H I n 
B 2 56  GLU 56  61  61  GLU GLU H . n 
B 2 57  ASN 57  62  62  ASN ASN H . n 
B 2 58  ASP 58  63  63  ASP ASP H . n 
B 2 59  LEU 59  64  64  LEU LEU H . n 
B 2 60  LEU 60  65  65  LEU LEU H . n 
B 2 61  VAL 61  66  66  VAL VAL H . n 
B 2 62  ARG 62  67  67  ARG ARG H . n 
B 2 63  ILE 63  68  68  ILE ILE H . n 
B 2 64  GLY 64  69  69  GLY GLY H . n 
B 2 65  LYS 65  70  70  LYS LYS H . n 
B 2 66  HIS 66  71  71  HIS HIS H . n 
B 2 67  SER 67  72  72  SER SER H . n 
B 2 68  ARG 68  73  73  ARG ARG H . n 
B 2 69  THR 69  74  74  THR THR H . n 
B 2 70  ARG 70  75  75  ARG ARG H . n 
B 2 71  TYR 71  76  76  TYR TYR H . n 
B 2 72  GLU 72  77  77  GLU GLU H . n 
B 2 73  ARG 73  77  77  ARG ARG H A n 
B 2 74  ASN 74  78  78  ASN ASN H . n 
B 2 75  ILE 75  79  79  ILE ILE H . n 
B 2 76  GLU 76  80  80  GLU GLU H . n 
B 2 77  LYS 77  81  81  LYS LYS H . n 
B 2 78  ILE 78  82  82  ILE ILE H . n 
B 2 79  SER 79  83  83  SER SER H . n 
B 2 80  MET 80  84  84  MET MET H . n 
B 2 81  LEU 81  85  85  LEU LEU H . n 
B 2 82  GLU 82  86  86  GLU GLU H . n 
B 2 83  LYS 83  87  87  LYS LYS H . n 
B 2 84  ILE 84  88  88  ILE ILE H . n 
B 2 85  TYR 85  89  89  TYR TYR H . n 
B 2 86  ILE 86  90  90  ILE ILE H . n 
B 2 87  HIS 87  91  91  HIS HIS H . n 
B 2 88  PRO 88  92  92  PRO PRO H . n 
B 2 89  ARG 89  93  93  ARG ARG H . n 
B 2 90  TYR 90  94  94  TYR TYR H . n 
B 2 91  ASN 91  95  95  ASN ASN H . n 
B 2 92  TRP 92  96  96  TRP TRP H . n 
B 2 93  ARG 93  97  97  ARG ARG H . n 
B 2 94  GLU 94  97  97  GLU GLU H A n 
B 2 95  ASN 95  98  98  ASN ASN H . n 
B 2 96  LEU 96  99  99  LEU LEU H . n 
B 2 97  ASP 97  100 100 ASP ASP H . n 
B 2 98  ARG 98  101 101 ARG ARG H . n 
B 2 99  ASP 99  102 102 ASP ASP H . n 
B 2 100 ILE 100 103 103 ILE ILE H . n 
B 2 101 ALA 101 104 104 ALA ALA H . n 
B 2 102 LEU 102 105 105 LEU LEU H . n 
B 2 103 MET 103 106 106 MET MET H . n 
B 2 104 LYS 104 107 107 LYS LYS H . n 
B 2 105 LEU 105 108 108 LEU LEU H . n 
B 2 106 LYS 106 109 109 LYS LYS H . n 
B 2 107 LYS 107 110 110 LYS LYS H . n 
B 2 108 PRO 108 111 111 PRO PRO H . n 
B 2 109 VAL 109 112 112 VAL VAL H . n 
B 2 110 ALA 110 113 113 ALA ALA H . n 
B 2 111 PHE 111 114 114 PHE PHE H . n 
B 2 112 SER 112 115 115 SER SER H . n 
B 2 113 ASP 113 116 116 ASP ASP H . n 
B 2 114 TYR 114 117 117 TYR TYR H . n 
B 2 115 ILE 115 118 118 ILE ILE H . n 
B 2 116 HIS 116 119 119 HIS HIS H . n 
B 2 117 PRO 117 120 120 PRO PRO H . n 
B 2 118 VAL 118 121 121 VAL VAL H . n 
B 2 119 CYS 119 122 122 CYS CYS H . n 
B 2 120 LEU 120 123 123 LEU LEU H . n 
B 2 121 PRO 121 124 124 PRO PRO H . n 
B 2 122 ASP 122 125 125 ASP ASP H . n 
B 2 123 ARG 123 126 126 ARG ARG H . n 
B 2 124 GLU 124 127 127 GLU GLU H . n 
B 2 125 THR 125 128 128 THR THR H . n 
B 2 126 ALA 126 129 129 ALA ALA H . n 
B 2 127 ALA 127 129 129 ALA ALA H A n 
B 2 128 SER 128 129 129 SER SER H B n 
B 2 129 LEU 129 129 129 LEU LEU H C n 
B 2 130 LEU 130 130 130 LEU LEU H . n 
B 2 131 GLN 131 131 131 GLN GLN H . n 
B 2 132 ALA 132 132 132 ALA ALA H . n 
B 2 133 GLY 133 133 133 GLY GLY H . n 
B 2 134 TYR 134 134 134 TYR TYR H . n 
B 2 135 LYS 135 135 135 LYS LYS H . n 
B 2 136 GLY 136 136 136 GLY GLY H . n 
B 2 137 ARG 137 137 137 ARG ARG H . n 
B 2 138 VAL 138 138 138 VAL VAL H . n 
B 2 139 THR 139 139 139 THR THR H . n 
B 2 140 GLY 140 140 140 GLY GLY H . n 
B 2 141 TRP 141 141 141 TRP TRP H . n 
B 2 142 GLY 142 142 142 GLY GLY H . n 
B 2 143 ASN 143 143 143 ASN ASN H . n 
B 2 144 LEU 144 144 144 LEU LEU H . n 
B 2 145 LYS 145 145 145 LYS LYS H . n 
B 2 146 GLU 146 146 146 GLU GLU H . n 
B 2 147 THR 147 147 147 THR THR H . n 
B 2 148 TRP 148 148 148 TRP TRP H . n 
B 2 149 THR 149 149 149 THR THR H . n 
B 2 150 ALA 150 149 149 ALA ALA H A n 
B 2 151 ASN 151 149 149 ASN ASN H B n 
B 2 152 VAL 152 149 149 VAL VAL H C n 
B 2 153 GLY 153 149 149 GLY GLY H D n 
B 2 154 LYS 154 149 149 LYS LYS H E n 
B 2 155 GLY 155 150 150 GLY GLY H . n 
B 2 156 GLN 156 151 151 GLN GLN H . n 
B 2 157 PRO 157 152 152 PRO PRO H . n 
B 2 158 SER 158 153 153 SER SER H . n 
B 2 159 VAL 159 154 154 VAL VAL H . n 
B 2 160 LEU 160 155 155 LEU LEU H . n 
B 2 161 GLN 161 156 156 GLN GLN H . n 
B 2 162 VAL 162 157 157 VAL VAL H . n 
B 2 163 VAL 163 158 158 VAL VAL H . n 
B 2 164 ASN 164 159 159 ASN ASN H . n 
B 2 165 LEU 165 160 160 LEU LEU H . n 
B 2 166 PRO 166 161 161 PRO PRO H . n 
B 2 167 ILE 167 162 162 ILE ILE H . n 
B 2 168 VAL 168 163 163 VAL VAL H . n 
B 2 169 GLU 169 164 164 GLU GLU H . n 
B 2 170 ARG 170 165 165 ARG ARG H . n 
B 2 171 PRO 171 166 166 PRO PRO H . n 
B 2 172 VAL 172 167 167 VAL VAL H . n 
B 2 173 CYS 173 168 168 CYS CYS H . n 
B 2 174 LYS 174 169 169 LYS LYS H . n 
B 2 175 ASP 175 170 170 ASP ASP H . n 
B 2 176 SER 176 171 171 SER SER H . n 
B 2 177 THR 177 172 172 THR THR H . n 
B 2 178 ARG 178 173 173 ARG ARG H . n 
B 2 179 ILE 179 174 174 ILE ILE H . n 
B 2 180 ARG 180 175 175 ARG ARG H . n 
B 2 181 ILE 181 176 176 ILE ILE H . n 
B 2 182 THR 182 177 177 THR THR H . n 
B 2 183 ASP 183 178 178 ASP ASP H . n 
B 2 184 ASN 184 179 179 ASN ASN H . n 
B 2 185 MET 185 180 180 MET MET H . n 
B 2 186 PHE 186 181 181 PHE PHE H . n 
B 2 187 CYS 187 182 182 CYS CYS H . n 
B 2 188 ALA 188 183 183 ALA ALA H . n 
B 2 189 GLY 189 184 184 GLY GLY H . n 
B 2 190 TYR 190 184 184 TYR TYR H A n 
B 2 191 LYS 191 185 185 LYS LYS H . n 
B 2 192 PRO 192 186 186 PRO PRO H . n 
B 2 193 ASP 193 186 186 ASP ASP H A n 
B 2 194 GLU 194 186 186 GLU GLU H B n 
B 2 195 GLY 195 186 186 GLY GLY H C n 
B 2 196 LYS 196 186 186 LYS LYS H D n 
B 2 197 ARG 197 187 187 ARG ARG H . n 
B 2 198 GLY 198 188 188 GLY GLY H . n 
B 2 199 ASP 199 189 189 ASP ASP H . n 
B 2 200 ALA 200 190 190 ALA ALA H . n 
B 2 201 CYS 201 191 191 CYS CYS H . n 
B 2 202 GLU 202 192 192 GLU GLU H . n 
B 2 203 GLY 203 193 193 GLY GLY H . n 
B 2 204 ASP 204 194 194 ASP ASP H . n 
B 2 205 SER 205 195 195 SER SER H . n 
B 2 206 GLY 206 196 196 GLY GLY H . n 
B 2 207 GLY 207 197 197 GLY GLY H . n 
B 2 208 PRO 208 198 198 PRO PRO H . n 
B 2 209 PHE 209 199 199 PHE PHE H . n 
B 2 210 VAL 210 200 200 VAL VAL H . n 
B 2 211 MET 211 201 201 MET MET H . n 
B 2 212 LYS 212 202 202 LYS LYS H . n 
B 2 213 SER 213 203 203 SER SER H . n 
B 2 214 PRO 214 204 204 PRO PRO H . n 
B 2 215 PHE 215 204 204 PHE PHE H A n 
B 2 216 ASN 216 204 204 ASN ASN H B n 
B 2 217 ASN 217 205 205 ASN ASN H . n 
B 2 218 ARG 218 206 206 ARG ARG H . n 
B 2 219 TRP 219 207 207 TRP TRP H . n 
B 2 220 TYR 220 208 208 TYR TYR H . n 
B 2 221 GLN 221 209 209 GLN GLN H . n 
B 2 222 MET 222 210 210 MET MET H . n 
B 2 223 GLY 223 211 211 GLY GLY H . n 
B 2 224 ILE 224 212 212 ILE ILE H . n 
B 2 225 VAL 225 213 213 VAL VAL H . n 
B 2 226 SER 226 214 214 SER SER H . n 
B 2 227 TRP 227 215 215 TRP TRP H . n 
B 2 228 GLY 228 216 216 GLY GLY H . n 
B 2 229 GLU 229 217 217 GLU GLU H . n 
B 2 230 GLY 230 219 219 GLY GLY H . n 
B 2 231 CYS 231 220 220 CYS CYS H . n 
B 2 232 ASP 232 221 221 ASP ASP H . n 
B 2 233 ARG 233 221 221 ARG ARG H A n 
B 2 234 ASP 234 222 222 ASP ASP H . n 
B 2 235 GLY 235 223 223 GLY GLY H . n 
B 2 236 LYS 236 224 224 LYS LYS H . n 
B 2 237 TYR 237 225 225 TYR TYR H . n 
B 2 238 GLY 238 226 226 GLY GLY H . n 
B 2 239 PHE 239 227 227 PHE PHE H . n 
B 2 240 TYR 240 228 228 TYR TYR H . n 
B 2 241 THR 241 229 229 THR THR H . n 
B 2 242 HIS 242 230 230 HIS HIS H . n 
B 2 243 VAL 243 231 231 VAL VAL H . n 
B 2 244 PHE 244 232 232 PHE PHE H . n 
B 2 245 ARG 245 233 233 ARG ARG H . n 
B 2 246 LEU 246 234 234 LEU LEU H . n 
B 2 247 LYS 247 235 235 LYS LYS H . n 
B 2 248 LYS 248 236 236 LYS LYS H . n 
B 2 249 TRP 249 237 237 TRP TRP H . n 
B 2 250 ILE 250 238 238 ILE ILE H . n 
B 2 251 GLN 251 239 239 GLN GLN H . n 
B 2 252 LYS 252 240 240 LYS LYS H . n 
B 2 253 VAL 253 241 241 VAL VAL H . n 
B 2 254 ILE 254 242 242 ILE ILE H . n 
B 2 255 ASP 255 243 243 ASP ASP H . n 
B 2 256 GLN 256 244 244 GLN GLN H . n 
B 2 257 PHE 257 245 245 PHE PHE H . n 
B 2 258 GLY 258 246 ?   ?   ?   H . n 
B 2 259 GLU 259 247 ?   ?   ?   H . n 
C 3 1   ILE 1   1   1   ILE ILE I . n 
C 3 2   THR 2   2   2   THR THR I . n 
C 3 3   TYR 3   3   3   TYR TYR I . n 
C 3 4   THR 4   4   4   THR THR I . n 
C 3 5   ASP 5   5   5   ASP ASP I . n 
C 3 6   CYS 6   6   6   CYS CYS I . n 
C 3 7   THR 7   7   7   THR THR I . n 
C 3 8   GLU 8   8   8   GLU GLU I . n 
C 3 9   SER 9   9   9   SER SER I . n 
C 3 10  GLY 10  10  10  GLY GLY I . n 
C 3 11  GLN 11  11  11  GLN GLN I . n 
C 3 12  ASN 12  12  12  ASN ASN I . n 
C 3 13  LEU 13  13  13  LEU LEU I . n 
C 3 14  CYS 14  14  14  CYS CYS I . n 
C 3 15  LEU 15  15  15  LEU LEU I . n 
C 3 16  CYS 16  16  16  CYS CYS I . n 
C 3 17  GLU 17  17  17  GLU GLU I . n 
C 3 18  GLY 18  18  18  GLY GLY I . n 
C 3 19  SER 19  19  19  SER SER I . n 
C 3 20  ASN 20  20  20  ASN ASN I . n 
C 3 21  VAL 21  21  21  VAL VAL I . n 
C 3 22  CYS 22  22  22  CYS CYS I . n 
C 3 23  GLY 23  23  23  GLY GLY I . n 
C 3 24  LYS 24  24  24  LYS LYS I . n 
C 3 25  GLY 25  25  25  GLY GLY I . n 
C 3 26  ASN 26  26  26  ASN ASN I . n 
C 3 27  LYS 27  27  27  LYS LYS I . n 
C 3 28  CYS 28  28  28  CYS CYS I . n 
C 3 29  ILE 29  29  29  ILE ILE I . n 
C 3 30  LEU 30  30  30  LEU LEU I . n 
C 3 31  GLY 31  31  31  GLY GLY I . n 
C 3 32  SER 32  32  32  SER SER I . n 
C 3 33  ASN 33  33  33  ASN ASN I . n 
C 3 34  GLY 34  34  34  GLY GLY I . n 
C 3 35  LYS 35  35  35  LYS LYS I . n 
C 3 36  GLY 36  36  36  GLY GLY I . n 
C 3 37  ASN 37  37  37  ASN ASN I . n 
C 3 38  GLN 38  38  38  GLN GLN I . n 
C 3 39  CYS 39  39  39  CYS CYS I . n 
C 3 40  VAL 40  40  40  VAL VAL I . n 
C 3 41  THR 41  41  41  THR THR I . n 
C 3 42  GLY 42  42  42  GLY GLY I . n 
C 3 43  GLU 43  43  43  GLU GLU I . n 
C 3 44  GLY 44  44  44  GLY GLY I . n 
C 3 45  THR 45  45  45  THR THR I . n 
C 3 46  PRO 46  46  46  PRO PRO I . n 
C 3 47  LYS 47  47  47  LYS LYS I . n 
C 3 48  PRO 48  48  48  PRO PRO I . n 
C 3 49  GLU 49  49  49  GLU GLU I . n 
C 3 50  SER 50  50  50  SER SER I . n 
C 3 51  HIS 51  51  51  HIS HIS I . n 
C 3 52  ASN 52  52  52  ASN ASN I . n 
C 3 53  ASN 53  53  53  ASN ASN I . n 
C 3 54  GLY 54  54  54  GLY GLY I . n 
C 3 55  ASP 55  55  55  ASP ASP I . n 
C 3 56  PHE 56  56  56  PHE PHE I . n 
C 3 57  GLU 57  57  57  GLU GLU I . n 
C 3 58  GLU 58  58  58  GLU GLU I . n 
C 3 59  ILE 59  59  59  ILE ILE I . n 
C 3 60  PRO 60  60  60  PRO PRO I . n 
C 3 61  GLU 61  61  61  GLU GLU I . n 
C 3 62  GLU 62  62  62  GLU GLU I . n 
C 3 63  TYR 63  63  63  TYR TYR I . n 
C 3 64  LEU 64  64  64  LEU LEU I . n 
C 3 65  GLN 65  65  65  GLN GLN I . n 
# 
_software.name             EREF 
_software.classification   refinement 
_software.version          . 
_software.citation_id      ? 
_software.pdbx_ordinal     1 
# 
_cell.entry_id           3HTC 
_cell.length_a           90.540 
_cell.length_b           90.540 
_cell.length_c           132.040 
_cell.angle_alpha        90.00 
_cell.angle_beta         90.00 
_cell.angle_gamma        90.00 
_cell.Z_PDB              8 
_cell.pdbx_unique_axis   ? 
_cell.length_a_esd       ? 
_cell.length_b_esd       ? 
_cell.length_c_esd       ? 
_cell.angle_alpha_esd    ? 
_cell.angle_beta_esd     ? 
_cell.angle_gamma_esd    ? 
# 
_symmetry.entry_id                         3HTC 
_symmetry.space_group_name_H-M             'P 43 21 2' 
_symmetry.pdbx_full_space_group_name_H-M   ? 
_symmetry.cell_setting                     ? 
_symmetry.Int_Tables_number                96 
_symmetry.space_group_name_Hall            ? 
# 
_exptl.entry_id          3HTC 
_exptl.method            'X-RAY DIFFRACTION' 
_exptl.crystals_number   ? 
# 
_exptl_crystal.id                    1 
_exptl_crystal.density_meas          ? 
_exptl_crystal.density_Matthews      3.32 
_exptl_crystal.density_percent_sol   62.90 
_exptl_crystal.description           ? 
_exptl_crystal.F_000                 ? 
_exptl_crystal.preparation           ? 
# 
_diffrn.id                     1 
_diffrn.ambient_temp           ? 
_diffrn.ambient_temp_details   ? 
_diffrn.crystal_id             1 
# 
_diffrn_radiation.diffrn_id                        1 
_diffrn_radiation.wavelength_id                    1 
_diffrn_radiation.monochromator                    ? 
_diffrn_radiation.pdbx_monochromatic_or_laue_m_l   ? 
_diffrn_radiation.pdbx_diffrn_protocol             ? 
_diffrn_radiation.pdbx_scattering_type             x-ray 
# 
_diffrn_radiation_wavelength.id           1 
_diffrn_radiation_wavelength.wavelength   . 
_diffrn_radiation_wavelength.wt           1.0 
# 
_refine.entry_id                                 3HTC 
_refine.ls_number_reflns_obs                     ? 
_refine.ls_number_reflns_all                     ? 
_refine.pdbx_ls_sigma_I                          ? 
_refine.pdbx_ls_sigma_F                          ? 
_refine.pdbx_data_cutoff_high_absF               ? 
_refine.pdbx_data_cutoff_low_absF                ? 
_refine.pdbx_data_cutoff_high_rms_absF           ? 
_refine.ls_d_res_low                             ? 
_refine.ls_d_res_high                            2.3 
_refine.ls_percent_reflns_obs                    ? 
_refine.ls_R_factor_obs                          ? 
_refine.ls_R_factor_all                          ? 
_refine.ls_R_factor_R_work                       0.193 
_refine.ls_R_factor_R_free                       ? 
_refine.ls_R_factor_R_free_error                 ? 
_refine.ls_R_factor_R_free_error_details         ? 
_refine.ls_percent_reflns_R_free                 ? 
_refine.ls_number_reflns_R_free                  ? 
_refine.ls_number_parameters                     ? 
_refine.ls_number_restraints                     ? 
_refine.occupancy_min                            ? 
_refine.occupancy_max                            ? 
_refine.B_iso_mean                               ? 
_refine.aniso_B[1][1]                            ? 
_refine.aniso_B[2][2]                            ? 
_refine.aniso_B[3][3]                            ? 
_refine.aniso_B[1][2]                            ? 
_refine.aniso_B[1][3]                            ? 
_refine.aniso_B[2][3]                            ? 
_refine.solvent_model_details                    ? 
_refine.solvent_model_param_ksol                 ? 
_refine.solvent_model_param_bsol                 ? 
_refine.pdbx_ls_cross_valid_method               ? 
_refine.details                                  
;RESIDUES ARG L 15 OF THROMBIN AND ASN I 52, ASN I 53, AND
GLY I 54 OF HIRUDIN ARE POORLY DEFINED IN THE ELECTRON
DENSITY MAPS.  THEY HAVE AN OCCUPANCY AND TEMPERATURE
FACTOR OF 0.00 IN THIS ENTRY.
;
_refine.pdbx_starting_model                      ? 
_refine.pdbx_method_to_determine_struct          ? 
_refine.pdbx_isotropic_thermal_model             ? 
_refine.pdbx_stereochemistry_target_values       ? 
_refine.pdbx_stereochem_target_val_spec_case     ? 
_refine.pdbx_R_Free_selection_details            ? 
_refine.pdbx_overall_ESU_R                       ? 
_refine.pdbx_overall_ESU_R_Free                  ? 
_refine.overall_SU_ML                            ? 
_refine.overall_SU_B                             ? 
_refine.ls_redundancy_reflns_obs                 ? 
_refine.pdbx_overall_phase_error                 ? 
_refine.B_iso_min                                ? 
_refine.B_iso_max                                ? 
_refine.correlation_coeff_Fo_to_Fc               ? 
_refine.correlation_coeff_Fo_to_Fc_free          ? 
_refine.pdbx_solvent_vdw_probe_radii             ? 
_refine.pdbx_solvent_ion_probe_radii             ? 
_refine.pdbx_solvent_shrinkage_radii             ? 
_refine.overall_SU_R_Cruickshank_DPI             ? 
_refine.overall_SU_R_free                        ? 
_refine.ls_wR_factor_R_free                      ? 
_refine.ls_wR_factor_R_work                      ? 
_refine.overall_FOM_free_R_set                   ? 
_refine.overall_FOM_work_R_set                   ? 
_refine.pdbx_refine_id                           'X-RAY DIFFRACTION' 
_refine.pdbx_diffrn_id                           1 
_refine.pdbx_TLS_residual_ADP_flag               ? 
_refine.pdbx_overall_SU_R_free_Cruickshank_DPI   ? 
_refine.pdbx_overall_SU_R_Blow_DPI               ? 
_refine.pdbx_overall_SU_R_free_Blow_DPI          ? 
# 
_refine_hist.pdbx_refine_id                   'X-RAY DIFFRACTION' 
_refine_hist.cycle_id                         LAST 
_refine_hist.pdbx_number_atoms_protein        356 
_refine_hist.pdbx_number_atoms_nucleic_acid   0 
_refine_hist.pdbx_number_atoms_ligand         0 
_refine_hist.number_atoms_solvent             0 
_refine_hist.number_atoms_total               356 
_refine_hist.d_res_high                       2.3 
_refine_hist.d_res_low                        . 
# 
loop_
_refine_ls_restr.type 
_refine_ls_restr.dev_ideal 
_refine_ls_restr.dev_ideal_target 
_refine_ls_restr.weight 
_refine_ls_restr.number 
_refine_ls_restr.pdbx_refine_id 
_refine_ls_restr.pdbx_restraint_function 
o_bond_d                0.013 ? ? ? 'X-RAY DIFFRACTION' ? 
o_bond_d_na             ?     ? ? ? 'X-RAY DIFFRACTION' ? 
o_bond_d_prot           ?     ? ? ? 'X-RAY DIFFRACTION' ? 
o_angle_d               ?     ? ? ? 'X-RAY DIFFRACTION' ? 
o_angle_d_na            ?     ? ? ? 'X-RAY DIFFRACTION' ? 
o_angle_d_prot          ?     ? ? ? 'X-RAY DIFFRACTION' ? 
o_angle_deg             2.4   ? ? ? 'X-RAY DIFFRACTION' ? 
o_angle_deg_na          ?     ? ? ? 'X-RAY DIFFRACTION' ? 
o_angle_deg_prot        ?     ? ? ? 'X-RAY DIFFRACTION' ? 
o_dihedral_angle_d      ?     ? ? ? 'X-RAY DIFFRACTION' ? 
o_dihedral_angle_d_na   ?     ? ? ? 'X-RAY DIFFRACTION' ? 
o_dihedral_angle_d_prot ?     ? ? ? 'X-RAY DIFFRACTION' ? 
o_improper_angle_d      ?     ? ? ? 'X-RAY DIFFRACTION' ? 
o_improper_angle_d_na   ?     ? ? ? 'X-RAY DIFFRACTION' ? 
o_improper_angle_d_prot ?     ? ? ? 'X-RAY DIFFRACTION' ? 
o_mcbond_it             ?     ? ? ? 'X-RAY DIFFRACTION' ? 
o_mcangle_it            ?     ? ? ? 'X-RAY DIFFRACTION' ? 
o_scbond_it             ?     ? ? ? 'X-RAY DIFFRACTION' ? 
o_scangle_it            ?     ? ? ? 'X-RAY DIFFRACTION' ? 
# 
_struct.entry_id                  3HTC 
_struct.title                     'THE STRUCTURE OF A COMPLEX OF RECOMBINANT HIRUDIN AND HUMAN ALPHA-THROMBIN' 
_struct.pdbx_model_details        ? 
_struct.pdbx_CASP_flag            ? 
_struct.pdbx_model_type_details   ? 
# 
_struct_keywords.entry_id        3HTC 
_struct_keywords.pdbx_keywords   'HYDROLASE(SERINE PROTEASE)' 
_struct_keywords.text            'HYDROLASE(SERINE PROTEASE)' 
# 
loop_
_struct_asym.id 
_struct_asym.pdbx_blank_PDB_chainid_flag 
_struct_asym.pdbx_modified 
_struct_asym.entity_id 
_struct_asym.details 
A N N 1 ? 
B N N 2 ? 
C N N 3 ? 
# 
loop_
_struct_ref.id 
_struct_ref.db_name 
_struct_ref.db_code 
_struct_ref.pdbx_db_accession 
_struct_ref.entity_id 
_struct_ref.pdbx_align_begin 
_struct_ref.pdbx_seq_one_letter_code 
_struct_ref.pdbx_db_isoform 
1 UNP THRB_HUMAN P00734 1 328 ? ? 
2 UNP THRB_HUMAN P00734 2 364 ? ? 
3 UNP ITH3_HIRME P09945 3 8   ? ? 
# 
loop_
_struct_ref_seq.align_id 
_struct_ref_seq.ref_id 
_struct_ref_seq.pdbx_PDB_id_code 
_struct_ref_seq.pdbx_strand_id 
_struct_ref_seq.seq_align_beg 
_struct_ref_seq.pdbx_seq_align_beg_ins_code 
_struct_ref_seq.seq_align_end 
_struct_ref_seq.pdbx_seq_align_end_ins_code 
_struct_ref_seq.pdbx_db_accession 
_struct_ref_seq.db_align_beg 
_struct_ref_seq.pdbx_db_align_beg_ins_code 
_struct_ref_seq.db_align_end 
_struct_ref_seq.pdbx_db_align_end_ins_code 
_struct_ref_seq.pdbx_auth_seq_align_beg 
_struct_ref_seq.pdbx_auth_seq_align_end 
1 1 3HTC L 1 H 36  ? P00734 328 ? 363 ? 1  15  
2 2 3HTC H 1 ? 259 ? P00734 364 ? 622 ? 16 247 
3 3 3HTC I 1 ? 65  ? P09945 8   ? 72  ? 1  65  
# 
_struct_ref_seq_dif.align_id                     3 
_struct_ref_seq_dif.pdbx_pdb_id_code             3HTC 
_struct_ref_seq_dif.mon_id                       LYS 
_struct_ref_seq_dif.pdbx_pdb_strand_id           I 
_struct_ref_seq_dif.seq_num                      47 
_struct_ref_seq_dif.pdbx_pdb_ins_code            ? 
_struct_ref_seq_dif.pdbx_seq_db_name             UNP 
_struct_ref_seq_dif.pdbx_seq_db_accession_code   P09945 
_struct_ref_seq_dif.db_mon_id                    ASN 
_struct_ref_seq_dif.pdbx_seq_db_seq_num          54 
_struct_ref_seq_dif.details                      conflict 
_struct_ref_seq_dif.pdbx_auth_seq_num            47 
_struct_ref_seq_dif.pdbx_ordinal                 1 
# 
_pdbx_struct_assembly.id                   1 
_pdbx_struct_assembly.details              author_defined_assembly 
_pdbx_struct_assembly.method_details       ? 
_pdbx_struct_assembly.oligomeric_details   trimeric 
_pdbx_struct_assembly.oligomeric_count     3 
# 
_pdbx_struct_assembly_gen.assembly_id       1 
_pdbx_struct_assembly_gen.oper_expression   1 
_pdbx_struct_assembly_gen.asym_id_list      A,B,C 
# 
_pdbx_struct_oper_list.id                   1 
_pdbx_struct_oper_list.type                 'identity operation' 
_pdbx_struct_oper_list.name                 1_555 
_pdbx_struct_oper_list.symmetry_operation   x,y,z 
_pdbx_struct_oper_list.matrix[1][1]         1.0000000000 
_pdbx_struct_oper_list.matrix[1][2]         0.0000000000 
_pdbx_struct_oper_list.matrix[1][3]         0.0000000000 
_pdbx_struct_oper_list.vector[1]            0.0000000000 
_pdbx_struct_oper_list.matrix[2][1]         0.0000000000 
_pdbx_struct_oper_list.matrix[2][2]         1.0000000000 
_pdbx_struct_oper_list.matrix[2][3]         0.0000000000 
_pdbx_struct_oper_list.vector[2]            0.0000000000 
_pdbx_struct_oper_list.matrix[3][1]         0.0000000000 
_pdbx_struct_oper_list.matrix[3][2]         0.0000000000 
_pdbx_struct_oper_list.matrix[3][3]         1.0000000000 
_pdbx_struct_oper_list.vector[3]            0.0000000000 
# 
_struct_biol.id        1 
_struct_biol.details   ? 
# 
_struct_site.id                   CAT 
_struct_site.pdbx_evidence_code   Unknown 
_struct_site.pdbx_auth_asym_id    ? 
_struct_site.pdbx_auth_comp_id    ? 
_struct_site.pdbx_auth_seq_id     ? 
_struct_site.pdbx_auth_ins_code   ? 
_struct_site.pdbx_num_residues    3 
_struct_site.details              ? 
# 
loop_
_struct_site_gen.id 
_struct_site_gen.site_id 
_struct_site_gen.pdbx_num_res 
_struct_site_gen.label_comp_id 
_struct_site_gen.label_asym_id 
_struct_site_gen.label_seq_id 
_struct_site_gen.pdbx_auth_ins_code 
_struct_site_gen.auth_comp_id 
_struct_site_gen.auth_asym_id 
_struct_site_gen.auth_seq_id 
_struct_site_gen.label_atom_id 
_struct_site_gen.label_alt_id 
_struct_site_gen.symmetry 
_struct_site_gen.details 
1 CAT 3 HIS B 43  ? HIS H 57  . ? 1_555 ? 
2 CAT 3 ASP B 99  ? ASP H 102 . ? 1_555 ? 
3 CAT 3 SER B 205 ? SER H 195 . ? 1_555 ? 
# 
_pdbx_entry_details.entry_id                 3HTC 
_pdbx_entry_details.compound_details         
;THROMBIN IS CLEAVED BETWEEN RESIDUES 15 AND 16.  CHAIN
INDICATOR *L* IS USED FOR RESIDUES 1H - 15 AND CHAIN
INDICATOR *H* IS USED FOR RESIDUES 16 - 247.  CHAIN
INDICATOR *I* IS USED FOR HIRUDIN.
;
_pdbx_entry_details.source_details           ? 
_pdbx_entry_details.nonpolymer_details       ? 
_pdbx_entry_details.sequence_details         ? 
_pdbx_entry_details.has_ligand_of_interest   ? 
# 
loop_
_pdbx_unobs_or_zero_occ_residues.id 
_pdbx_unobs_or_zero_occ_residues.PDB_model_num 
_pdbx_unobs_or_zero_occ_residues.polymer_flag 
_pdbx_unobs_or_zero_occ_residues.occupancy_flag 
_pdbx_unobs_or_zero_occ_residues.auth_asym_id 
_pdbx_unobs_or_zero_occ_residues.auth_comp_id 
_pdbx_unobs_or_zero_occ_residues.auth_seq_id 
_pdbx_unobs_or_zero_occ_residues.PDB_ins_code 
_pdbx_unobs_or_zero_occ_residues.label_asym_id 
_pdbx_unobs_or_zero_occ_residues.label_comp_id 
_pdbx_unobs_or_zero_occ_residues.label_seq_id 
1 1 Y 1 L THR 1   H A THR 1   
2 1 Y 1 L PHE 1   G A PHE 2   
3 1 Y 1 H GLY 246 ? B GLY 258 
4 1 Y 1 H GLU 247 ? B GLU 259 
# 
loop_
_chem_comp_atom.comp_id 
_chem_comp_atom.atom_id 
_chem_comp_atom.type_symbol 
_chem_comp_atom.pdbx_aromatic_flag 
_chem_comp_atom.pdbx_stereo_config 
_chem_comp_atom.pdbx_ordinal 
ALA N    N N N 1   
ALA CA   C N S 2   
ALA C    C N N 3   
ALA O    O N N 4   
ALA CB   C N N 5   
ALA OXT  O N N 6   
ALA H    H N N 7   
ALA H2   H N N 8   
ALA HA   H N N 9   
ALA HB1  H N N 10  
ALA HB2  H N N 11  
ALA HB3  H N N 12  
ALA HXT  H N N 13  
ARG N    N N N 14  
ARG CA   C N S 15  
ARG C    C N N 16  
ARG O    O N N 17  
ARG CB   C N N 18  
ARG CG   C N N 19  
ARG CD   C N N 20  
ARG NE   N N N 21  
ARG CZ   C N N 22  
ARG NH1  N N N 23  
ARG NH2  N N N 24  
ARG OXT  O N N 25  
ARG H    H N N 26  
ARG H2   H N N 27  
ARG HA   H N N 28  
ARG HB2  H N N 29  
ARG HB3  H N N 30  
ARG HG2  H N N 31  
ARG HG3  H N N 32  
ARG HD2  H N N 33  
ARG HD3  H N N 34  
ARG HE   H N N 35  
ARG HH11 H N N 36  
ARG HH12 H N N 37  
ARG HH21 H N N 38  
ARG HH22 H N N 39  
ARG HXT  H N N 40  
ASN N    N N N 41  
ASN CA   C N S 42  
ASN C    C N N 43  
ASN O    O N N 44  
ASN CB   C N N 45  
ASN CG   C N N 46  
ASN OD1  O N N 47  
ASN ND2  N N N 48  
ASN OXT  O N N 49  
ASN H    H N N 50  
ASN H2   H N N 51  
ASN HA   H N N 52  
ASN HB2  H N N 53  
ASN HB3  H N N 54  
ASN HD21 H N N 55  
ASN HD22 H N N 56  
ASN HXT  H N N 57  
ASP N    N N N 58  
ASP CA   C N S 59  
ASP C    C N N 60  
ASP O    O N N 61  
ASP CB   C N N 62  
ASP CG   C N N 63  
ASP OD1  O N N 64  
ASP OD2  O N N 65  
ASP OXT  O N N 66  
ASP H    H N N 67  
ASP H2   H N N 68  
ASP HA   H N N 69  
ASP HB2  H N N 70  
ASP HB3  H N N 71  
ASP HD2  H N N 72  
ASP HXT  H N N 73  
CYS N    N N N 74  
CYS CA   C N R 75  
CYS C    C N N 76  
CYS O    O N N 77  
CYS CB   C N N 78  
CYS SG   S N N 79  
CYS OXT  O N N 80  
CYS H    H N N 81  
CYS H2   H N N 82  
CYS HA   H N N 83  
CYS HB2  H N N 84  
CYS HB3  H N N 85  
CYS HG   H N N 86  
CYS HXT  H N N 87  
GLN N    N N N 88  
GLN CA   C N S 89  
GLN C    C N N 90  
GLN O    O N N 91  
GLN CB   C N N 92  
GLN CG   C N N 93  
GLN CD   C N N 94  
GLN OE1  O N N 95  
GLN NE2  N N N 96  
GLN OXT  O N N 97  
GLN H    H N N 98  
GLN H2   H N N 99  
GLN HA   H N N 100 
GLN HB2  H N N 101 
GLN HB3  H N N 102 
GLN HG2  H N N 103 
GLN HG3  H N N 104 
GLN HE21 H N N 105 
GLN HE22 H N N 106 
GLN HXT  H N N 107 
GLU N    N N N 108 
GLU CA   C N S 109 
GLU C    C N N 110 
GLU O    O N N 111 
GLU CB   C N N 112 
GLU CG   C N N 113 
GLU CD   C N N 114 
GLU OE1  O N N 115 
GLU OE2  O N N 116 
GLU OXT  O N N 117 
GLU H    H N N 118 
GLU H2   H N N 119 
GLU HA   H N N 120 
GLU HB2  H N N 121 
GLU HB3  H N N 122 
GLU HG2  H N N 123 
GLU HG3  H N N 124 
GLU HE2  H N N 125 
GLU HXT  H N N 126 
GLY N    N N N 127 
GLY CA   C N N 128 
GLY C    C N N 129 
GLY O    O N N 130 
GLY OXT  O N N 131 
GLY H    H N N 132 
GLY H2   H N N 133 
GLY HA2  H N N 134 
GLY HA3  H N N 135 
GLY HXT  H N N 136 
HIS N    N N N 137 
HIS CA   C N S 138 
HIS C    C N N 139 
HIS O    O N N 140 
HIS CB   C N N 141 
HIS CG   C Y N 142 
HIS ND1  N Y N 143 
HIS CD2  C Y N 144 
HIS CE1  C Y N 145 
HIS NE2  N Y N 146 
HIS OXT  O N N 147 
HIS H    H N N 148 
HIS H2   H N N 149 
HIS HA   H N N 150 
HIS HB2  H N N 151 
HIS HB3  H N N 152 
HIS HD1  H N N 153 
HIS HD2  H N N 154 
HIS HE1  H N N 155 
HIS HE2  H N N 156 
HIS HXT  H N N 157 
ILE N    N N N 158 
ILE CA   C N S 159 
ILE C    C N N 160 
ILE O    O N N 161 
ILE CB   C N S 162 
ILE CG1  C N N 163 
ILE CG2  C N N 164 
ILE CD1  C N N 165 
ILE OXT  O N N 166 
ILE H    H N N 167 
ILE H2   H N N 168 
ILE HA   H N N 169 
ILE HB   H N N 170 
ILE HG12 H N N 171 
ILE HG13 H N N 172 
ILE HG21 H N N 173 
ILE HG22 H N N 174 
ILE HG23 H N N 175 
ILE HD11 H N N 176 
ILE HD12 H N N 177 
ILE HD13 H N N 178 
ILE HXT  H N N 179 
LEU N    N N N 180 
LEU CA   C N S 181 
LEU C    C N N 182 
LEU O    O N N 183 
LEU CB   C N N 184 
LEU CG   C N N 185 
LEU CD1  C N N 186 
LEU CD2  C N N 187 
LEU OXT  O N N 188 
LEU H    H N N 189 
LEU H2   H N N 190 
LEU HA   H N N 191 
LEU HB2  H N N 192 
LEU HB3  H N N 193 
LEU HG   H N N 194 
LEU HD11 H N N 195 
LEU HD12 H N N 196 
LEU HD13 H N N 197 
LEU HD21 H N N 198 
LEU HD22 H N N 199 
LEU HD23 H N N 200 
LEU HXT  H N N 201 
LYS N    N N N 202 
LYS CA   C N S 203 
LYS C    C N N 204 
LYS O    O N N 205 
LYS CB   C N N 206 
LYS CG   C N N 207 
LYS CD   C N N 208 
LYS CE   C N N 209 
LYS NZ   N N N 210 
LYS OXT  O N N 211 
LYS H    H N N 212 
LYS H2   H N N 213 
LYS HA   H N N 214 
LYS HB2  H N N 215 
LYS HB3  H N N 216 
LYS HG2  H N N 217 
LYS HG3  H N N 218 
LYS HD2  H N N 219 
LYS HD3  H N N 220 
LYS HE2  H N N 221 
LYS HE3  H N N 222 
LYS HZ1  H N N 223 
LYS HZ2  H N N 224 
LYS HZ3  H N N 225 
LYS HXT  H N N 226 
MET N    N N N 227 
MET CA   C N S 228 
MET C    C N N 229 
MET O    O N N 230 
MET CB   C N N 231 
MET CG   C N N 232 
MET SD   S N N 233 
MET CE   C N N 234 
MET OXT  O N N 235 
MET H    H N N 236 
MET H2   H N N 237 
MET HA   H N N 238 
MET HB2  H N N 239 
MET HB3  H N N 240 
MET HG2  H N N 241 
MET HG3  H N N 242 
MET HE1  H N N 243 
MET HE2  H N N 244 
MET HE3  H N N 245 
MET HXT  H N N 246 
PHE N    N N N 247 
PHE CA   C N S 248 
PHE C    C N N 249 
PHE O    O N N 250 
PHE CB   C N N 251 
PHE CG   C Y N 252 
PHE CD1  C Y N 253 
PHE CD2  C Y N 254 
PHE CE1  C Y N 255 
PHE CE2  C Y N 256 
PHE CZ   C Y N 257 
PHE OXT  O N N 258 
PHE H    H N N 259 
PHE H2   H N N 260 
PHE HA   H N N 261 
PHE HB2  H N N 262 
PHE HB3  H N N 263 
PHE HD1  H N N 264 
PHE HD2  H N N 265 
PHE HE1  H N N 266 
PHE HE2  H N N 267 
PHE HZ   H N N 268 
PHE HXT  H N N 269 
PRO N    N N N 270 
PRO CA   C N S 271 
PRO C    C N N 272 
PRO O    O N N 273 
PRO CB   C N N 274 
PRO CG   C N N 275 
PRO CD   C N N 276 
PRO OXT  O N N 277 
PRO H    H N N 278 
PRO HA   H N N 279 
PRO HB2  H N N 280 
PRO HB3  H N N 281 
PRO HG2  H N N 282 
PRO HG3  H N N 283 
PRO HD2  H N N 284 
PRO HD3  H N N 285 
PRO HXT  H N N 286 
SER N    N N N 287 
SER CA   C N S 288 
SER C    C N N 289 
SER O    O N N 290 
SER CB   C N N 291 
SER OG   O N N 292 
SER OXT  O N N 293 
SER H    H N N 294 
SER H2   H N N 295 
SER HA   H N N 296 
SER HB2  H N N 297 
SER HB3  H N N 298 
SER HG   H N N 299 
SER HXT  H N N 300 
THR N    N N N 301 
THR CA   C N S 302 
THR C    C N N 303 
THR O    O N N 304 
THR CB   C N R 305 
THR OG1  O N N 306 
THR CG2  C N N 307 
THR OXT  O N N 308 
THR H    H N N 309 
THR H2   H N N 310 
THR HA   H N N 311 
THR HB   H N N 312 
THR HG1  H N N 313 
THR HG21 H N N 314 
THR HG22 H N N 315 
THR HG23 H N N 316 
THR HXT  H N N 317 
TRP N    N N N 318 
TRP CA   C N S 319 
TRP C    C N N 320 
TRP O    O N N 321 
TRP CB   C N N 322 
TRP CG   C Y N 323 
TRP CD1  C Y N 324 
TRP CD2  C Y N 325 
TRP NE1  N Y N 326 
TRP CE2  C Y N 327 
TRP CE3  C Y N 328 
TRP CZ2  C Y N 329 
TRP CZ3  C Y N 330 
TRP CH2  C Y N 331 
TRP OXT  O N N 332 
TRP H    H N N 333 
TRP H2   H N N 334 
TRP HA   H N N 335 
TRP HB2  H N N 336 
TRP HB3  H N N 337 
TRP HD1  H N N 338 
TRP HE1  H N N 339 
TRP HE3  H N N 340 
TRP HZ2  H N N 341 
TRP HZ3  H N N 342 
TRP HH2  H N N 343 
TRP HXT  H N N 344 
TYR N    N N N 345 
TYR CA   C N S 346 
TYR C    C N N 347 
TYR O    O N N 348 
TYR CB   C N N 349 
TYR CG   C Y N 350 
TYR CD1  C Y N 351 
TYR CD2  C Y N 352 
TYR CE1  C Y N 353 
TYR CE2  C Y N 354 
TYR CZ   C Y N 355 
TYR OH   O N N 356 
TYR OXT  O N N 357 
TYR H    H N N 358 
TYR H2   H N N 359 
TYR HA   H N N 360 
TYR HB2  H N N 361 
TYR HB3  H N N 362 
TYR HD1  H N N 363 
TYR HD2  H N N 364 
TYR HE1  H N N 365 
TYR HE2  H N N 366 
TYR HH   H N N 367 
TYR HXT  H N N 368 
VAL N    N N N 369 
VAL CA   C N S 370 
VAL C    C N N 371 
VAL O    O N N 372 
VAL CB   C N N 373 
VAL CG1  C N N 374 
VAL CG2  C N N 375 
VAL OXT  O N N 376 
VAL H    H N N 377 
VAL H2   H N N 378 
VAL HA   H N N 379 
VAL HB   H N N 380 
VAL HG11 H N N 381 
VAL HG12 H N N 382 
VAL HG13 H N N 383 
VAL HG21 H N N 384 
VAL HG22 H N N 385 
VAL HG23 H N N 386 
VAL HXT  H N N 387 
# 
loop_
_chem_comp_bond.comp_id 
_chem_comp_bond.atom_id_1 
_chem_comp_bond.atom_id_2 
_chem_comp_bond.value_order 
_chem_comp_bond.pdbx_aromatic_flag 
_chem_comp_bond.pdbx_stereo_config 
_chem_comp_bond.pdbx_ordinal 
ALA N   CA   sing N N 1   
ALA N   H    sing N N 2   
ALA N   H2   sing N N 3   
ALA CA  C    sing N N 4   
ALA CA  CB   sing N N 5   
ALA CA  HA   sing N N 6   
ALA C   O    doub N N 7   
ALA C   OXT  sing N N 8   
ALA CB  HB1  sing N N 9   
ALA CB  HB2  sing N N 10  
ALA CB  HB3  sing N N 11  
ALA OXT HXT  sing N N 12  
ARG N   CA   sing N N 13  
ARG N   H    sing N N 14  
ARG N   H2   sing N N 15  
ARG CA  C    sing N N 16  
ARG CA  CB   sing N N 17  
ARG CA  HA   sing N N 18  
ARG C   O    doub N N 19  
ARG C   OXT  sing N N 20  
ARG CB  CG   sing N N 21  
ARG CB  HB2  sing N N 22  
ARG CB  HB3  sing N N 23  
ARG CG  CD   sing N N 24  
ARG CG  HG2  sing N N 25  
ARG CG  HG3  sing N N 26  
ARG CD  NE   sing N N 27  
ARG CD  HD2  sing N N 28  
ARG CD  HD3  sing N N 29  
ARG NE  CZ   sing N N 30  
ARG NE  HE   sing N N 31  
ARG CZ  NH1  sing N N 32  
ARG CZ  NH2  doub N N 33  
ARG NH1 HH11 sing N N 34  
ARG NH1 HH12 sing N N 35  
ARG NH2 HH21 sing N N 36  
ARG NH2 HH22 sing N N 37  
ARG OXT HXT  sing N N 38  
ASN N   CA   sing N N 39  
ASN N   H    sing N N 40  
ASN N   H2   sing N N 41  
ASN CA  C    sing N N 42  
ASN CA  CB   sing N N 43  
ASN CA  HA   sing N N 44  
ASN C   O    doub N N 45  
ASN C   OXT  sing N N 46  
ASN CB  CG   sing N N 47  
ASN CB  HB2  sing N N 48  
ASN CB  HB3  sing N N 49  
ASN CG  OD1  doub N N 50  
ASN CG  ND2  sing N N 51  
ASN ND2 HD21 sing N N 52  
ASN ND2 HD22 sing N N 53  
ASN OXT HXT  sing N N 54  
ASP N   CA   sing N N 55  
ASP N   H    sing N N 56  
ASP N   H2   sing N N 57  
ASP CA  C    sing N N 58  
ASP CA  CB   sing N N 59  
ASP CA  HA   sing N N 60  
ASP C   O    doub N N 61  
ASP C   OXT  sing N N 62  
ASP CB  CG   sing N N 63  
ASP CB  HB2  sing N N 64  
ASP CB  HB3  sing N N 65  
ASP CG  OD1  doub N N 66  
ASP CG  OD2  sing N N 67  
ASP OD2 HD2  sing N N 68  
ASP OXT HXT  sing N N 69  
CYS N   CA   sing N N 70  
CYS N   H    sing N N 71  
CYS N   H2   sing N N 72  
CYS CA  C    sing N N 73  
CYS CA  CB   sing N N 74  
CYS CA  HA   sing N N 75  
CYS C   O    doub N N 76  
CYS C   OXT  sing N N 77  
CYS CB  SG   sing N N 78  
CYS CB  HB2  sing N N 79  
CYS CB  HB3  sing N N 80  
CYS SG  HG   sing N N 81  
CYS OXT HXT  sing N N 82  
GLN N   CA   sing N N 83  
GLN N   H    sing N N 84  
GLN N   H2   sing N N 85  
GLN CA  C    sing N N 86  
GLN CA  CB   sing N N 87  
GLN CA  HA   sing N N 88  
GLN C   O    doub N N 89  
GLN C   OXT  sing N N 90  
GLN CB  CG   sing N N 91  
GLN CB  HB2  sing N N 92  
GLN CB  HB3  sing N N 93  
GLN CG  CD   sing N N 94  
GLN CG  HG2  sing N N 95  
GLN CG  HG3  sing N N 96  
GLN CD  OE1  doub N N 97  
GLN CD  NE2  sing N N 98  
GLN NE2 HE21 sing N N 99  
GLN NE2 HE22 sing N N 100 
GLN OXT HXT  sing N N 101 
GLU N   CA   sing N N 102 
GLU N   H    sing N N 103 
GLU N   H2   sing N N 104 
GLU CA  C    sing N N 105 
GLU CA  CB   sing N N 106 
GLU CA  HA   sing N N 107 
GLU C   O    doub N N 108 
GLU C   OXT  sing N N 109 
GLU CB  CG   sing N N 110 
GLU CB  HB2  sing N N 111 
GLU CB  HB3  sing N N 112 
GLU CG  CD   sing N N 113 
GLU CG  HG2  sing N N 114 
GLU CG  HG3  sing N N 115 
GLU CD  OE1  doub N N 116 
GLU CD  OE2  sing N N 117 
GLU OE2 HE2  sing N N 118 
GLU OXT HXT  sing N N 119 
GLY N   CA   sing N N 120 
GLY N   H    sing N N 121 
GLY N   H2   sing N N 122 
GLY CA  C    sing N N 123 
GLY CA  HA2  sing N N 124 
GLY CA  HA3  sing N N 125 
GLY C   O    doub N N 126 
GLY C   OXT  sing N N 127 
GLY OXT HXT  sing N N 128 
HIS N   CA   sing N N 129 
HIS N   H    sing N N 130 
HIS N   H2   sing N N 131 
HIS CA  C    sing N N 132 
HIS CA  CB   sing N N 133 
HIS CA  HA   sing N N 134 
HIS C   O    doub N N 135 
HIS C   OXT  sing N N 136 
HIS CB  CG   sing N N 137 
HIS CB  HB2  sing N N 138 
HIS CB  HB3  sing N N 139 
HIS CG  ND1  sing Y N 140 
HIS CG  CD2  doub Y N 141 
HIS ND1 CE1  doub Y N 142 
HIS ND1 HD1  sing N N 143 
HIS CD2 NE2  sing Y N 144 
HIS CD2 HD2  sing N N 145 
HIS CE1 NE2  sing Y N 146 
HIS CE1 HE1  sing N N 147 
HIS NE2 HE2  sing N N 148 
HIS OXT HXT  sing N N 149 
ILE N   CA   sing N N 150 
ILE N   H    sing N N 151 
ILE N   H2   sing N N 152 
ILE CA  C    sing N N 153 
ILE CA  CB   sing N N 154 
ILE CA  HA   sing N N 155 
ILE C   O    doub N N 156 
ILE C   OXT  sing N N 157 
ILE CB  CG1  sing N N 158 
ILE CB  CG2  sing N N 159 
ILE CB  HB   sing N N 160 
ILE CG1 CD1  sing N N 161 
ILE CG1 HG12 sing N N 162 
ILE CG1 HG13 sing N N 163 
ILE CG2 HG21 sing N N 164 
ILE CG2 HG22 sing N N 165 
ILE CG2 HG23 sing N N 166 
ILE CD1 HD11 sing N N 167 
ILE CD1 HD12 sing N N 168 
ILE CD1 HD13 sing N N 169 
ILE OXT HXT  sing N N 170 
LEU N   CA   sing N N 171 
LEU N   H    sing N N 172 
LEU N   H2   sing N N 173 
LEU CA  C    sing N N 174 
LEU CA  CB   sing N N 175 
LEU CA  HA   sing N N 176 
LEU C   O    doub N N 177 
LEU C   OXT  sing N N 178 
LEU CB  CG   sing N N 179 
LEU CB  HB2  sing N N 180 
LEU CB  HB3  sing N N 181 
LEU CG  CD1  sing N N 182 
LEU CG  CD2  sing N N 183 
LEU CG  HG   sing N N 184 
LEU CD1 HD11 sing N N 185 
LEU CD1 HD12 sing N N 186 
LEU CD1 HD13 sing N N 187 
LEU CD2 HD21 sing N N 188 
LEU CD2 HD22 sing N N 189 
LEU CD2 HD23 sing N N 190 
LEU OXT HXT  sing N N 191 
LYS N   CA   sing N N 192 
LYS N   H    sing N N 193 
LYS N   H2   sing N N 194 
LYS CA  C    sing N N 195 
LYS CA  CB   sing N N 196 
LYS CA  HA   sing N N 197 
LYS C   O    doub N N 198 
LYS C   OXT  sing N N 199 
LYS CB  CG   sing N N 200 
LYS CB  HB2  sing N N 201 
LYS CB  HB3  sing N N 202 
LYS CG  CD   sing N N 203 
LYS CG  HG2  sing N N 204 
LYS CG  HG3  sing N N 205 
LYS CD  CE   sing N N 206 
LYS CD  HD2  sing N N 207 
LYS CD  HD3  sing N N 208 
LYS CE  NZ   sing N N 209 
LYS CE  HE2  sing N N 210 
LYS CE  HE3  sing N N 211 
LYS NZ  HZ1  sing N N 212 
LYS NZ  HZ2  sing N N 213 
LYS NZ  HZ3  sing N N 214 
LYS OXT HXT  sing N N 215 
MET N   CA   sing N N 216 
MET N   H    sing N N 217 
MET N   H2   sing N N 218 
MET CA  C    sing N N 219 
MET CA  CB   sing N N 220 
MET CA  HA   sing N N 221 
MET C   O    doub N N 222 
MET C   OXT  sing N N 223 
MET CB  CG   sing N N 224 
MET CB  HB2  sing N N 225 
MET CB  HB3  sing N N 226 
MET CG  SD   sing N N 227 
MET CG  HG2  sing N N 228 
MET CG  HG3  sing N N 229 
MET SD  CE   sing N N 230 
MET CE  HE1  sing N N 231 
MET CE  HE2  sing N N 232 
MET CE  HE3  sing N N 233 
MET OXT HXT  sing N N 234 
PHE N   CA   sing N N 235 
PHE N   H    sing N N 236 
PHE N   H2   sing N N 237 
PHE CA  C    sing N N 238 
PHE CA  CB   sing N N 239 
PHE CA  HA   sing N N 240 
PHE C   O    doub N N 241 
PHE C   OXT  sing N N 242 
PHE CB  CG   sing N N 243 
PHE CB  HB2  sing N N 244 
PHE CB  HB3  sing N N 245 
PHE CG  CD1  doub Y N 246 
PHE CG  CD2  sing Y N 247 
PHE CD1 CE1  sing Y N 248 
PHE CD1 HD1  sing N N 249 
PHE CD2 CE2  doub Y N 250 
PHE CD2 HD2  sing N N 251 
PHE CE1 CZ   doub Y N 252 
PHE CE1 HE1  sing N N 253 
PHE CE2 CZ   sing Y N 254 
PHE CE2 HE2  sing N N 255 
PHE CZ  HZ   sing N N 256 
PHE OXT HXT  sing N N 257 
PRO N   CA   sing N N 258 
PRO N   CD   sing N N 259 
PRO N   H    sing N N 260 
PRO CA  C    sing N N 261 
PRO CA  CB   sing N N 262 
PRO CA  HA   sing N N 263 
PRO C   O    doub N N 264 
PRO C   OXT  sing N N 265 
PRO CB  CG   sing N N 266 
PRO CB  HB2  sing N N 267 
PRO CB  HB3  sing N N 268 
PRO CG  CD   sing N N 269 
PRO CG  HG2  sing N N 270 
PRO CG  HG3  sing N N 271 
PRO CD  HD2  sing N N 272 
PRO CD  HD3  sing N N 273 
PRO OXT HXT  sing N N 274 
SER N   CA   sing N N 275 
SER N   H    sing N N 276 
SER N   H2   sing N N 277 
SER CA  C    sing N N 278 
SER CA  CB   sing N N 279 
SER CA  HA   sing N N 280 
SER C   O    doub N N 281 
SER C   OXT  sing N N 282 
SER CB  OG   sing N N 283 
SER CB  HB2  sing N N 284 
SER CB  HB3  sing N N 285 
SER OG  HG   sing N N 286 
SER OXT HXT  sing N N 287 
THR N   CA   sing N N 288 
THR N   H    sing N N 289 
THR N   H2   sing N N 290 
THR CA  C    sing N N 291 
THR CA  CB   sing N N 292 
THR CA  HA   sing N N 293 
THR C   O    doub N N 294 
THR C   OXT  sing N N 295 
THR CB  OG1  sing N N 296 
THR CB  CG2  sing N N 297 
THR CB  HB   sing N N 298 
THR OG1 HG1  sing N N 299 
THR CG2 HG21 sing N N 300 
THR CG2 HG22 sing N N 301 
THR CG2 HG23 sing N N 302 
THR OXT HXT  sing N N 303 
TRP N   CA   sing N N 304 
TRP N   H    sing N N 305 
TRP N   H2   sing N N 306 
TRP CA  C    sing N N 307 
TRP CA  CB   sing N N 308 
TRP CA  HA   sing N N 309 
TRP C   O    doub N N 310 
TRP C   OXT  sing N N 311 
TRP CB  CG   sing N N 312 
TRP CB  HB2  sing N N 313 
TRP CB  HB3  sing N N 314 
TRP CG  CD1  doub Y N 315 
TRP CG  CD2  sing Y N 316 
TRP CD1 NE1  sing Y N 317 
TRP CD1 HD1  sing N N 318 
TRP CD2 CE2  doub Y N 319 
TRP CD2 CE3  sing Y N 320 
TRP NE1 CE2  sing Y N 321 
TRP NE1 HE1  sing N N 322 
TRP CE2 CZ2  sing Y N 323 
TRP CE3 CZ3  doub Y N 324 
TRP CE3 HE3  sing N N 325 
TRP CZ2 CH2  doub Y N 326 
TRP CZ2 HZ2  sing N N 327 
TRP CZ3 CH2  sing Y N 328 
TRP CZ3 HZ3  sing N N 329 
TRP CH2 HH2  sing N N 330 
TRP OXT HXT  sing N N 331 
TYR N   CA   sing N N 332 
TYR N   H    sing N N 333 
TYR N   H2   sing N N 334 
TYR CA  C    sing N N 335 
TYR CA  CB   sing N N 336 
TYR CA  HA   sing N N 337 
TYR C   O    doub N N 338 
TYR C   OXT  sing N N 339 
TYR CB  CG   sing N N 340 
TYR CB  HB2  sing N N 341 
TYR CB  HB3  sing N N 342 
TYR CG  CD1  doub Y N 343 
TYR CG  CD2  sing Y N 344 
TYR CD1 CE1  sing Y N 345 
TYR CD1 HD1  sing N N 346 
TYR CD2 CE2  doub Y N 347 
TYR CD2 HD2  sing N N 348 
TYR CE1 CZ   doub Y N 349 
TYR CE1 HE1  sing N N 350 
TYR CE2 CZ   sing Y N 351 
TYR CE2 HE2  sing N N 352 
TYR CZ  OH   sing N N 353 
TYR OH  HH   sing N N 354 
TYR OXT HXT  sing N N 355 
VAL N   CA   sing N N 356 
VAL N   H    sing N N 357 
VAL N   H2   sing N N 358 
VAL CA  C    sing N N 359 
VAL CA  CB   sing N N 360 
VAL CA  HA   sing N N 361 
VAL C   O    doub N N 362 
VAL C   OXT  sing N N 363 
VAL CB  CG1  sing N N 364 
VAL CB  CG2  sing N N 365 
VAL CB  HB   sing N N 366 
VAL CG1 HG11 sing N N 367 
VAL CG1 HG12 sing N N 368 
VAL CG1 HG13 sing N N 369 
VAL CG2 HG21 sing N N 370 
VAL CG2 HG22 sing N N 371 
VAL CG2 HG23 sing N N 372 
VAL OXT HXT  sing N N 373 
# 
loop_
_pdbx_coordinate_model.asym_id 
_pdbx_coordinate_model.type 
A 'CA ATOMS ONLY' 
B 'CA ATOMS ONLY' 
C 'CA ATOMS ONLY' 
# 
_atom_sites.entry_id                    3HTC 
_atom_sites.fract_transf_matrix[1][1]   -0.00981171 
_atom_sites.fract_transf_matrix[1][2]   0.00349007 
_atom_sites.fract_transf_matrix[1][3]   0.00367991 
_atom_sites.fract_transf_matrix[2][1]   -0.00506785 
_atom_sites.fract_transf_matrix[2][2]   -0.00705951 
_atom_sites.fract_transf_matrix[2][3]   -0.00681705 
_atom_sites.fract_transf_matrix[3][1]   0.00013573 
_atom_sites.fract_transf_matrix[3][2]   -0.00530990 
_atom_sites.fract_transf_matrix[3][3]   0.00539785 
_atom_sites.fract_transf_vector[1]      0.722348 
_atom_sites.fract_transf_vector[2]      0.068177 
_atom_sites.fract_transf_vector[3]      0.401217 
# 
_atom_sites_footnote.id     1 
_atom_sites_footnote.text   'RESIDUE PRO H 37 IS A CIS PROLINE.' 
# 
_atom_type.symbol   C 
# 
loop_
_atom_site.group_PDB 
_atom_site.id 
_atom_site.type_symbol 
_atom_site.label_atom_id 
_atom_site.label_alt_id 
_atom_site.label_comp_id 
_atom_site.label_asym_id 
_atom_site.label_entity_id 
_atom_site.label_seq_id 
_atom_site.pdbx_PDB_ins_code 
_atom_site.Cartn_x 
_atom_site.Cartn_y 
_atom_site.Cartn_z 
_atom_site.occupancy 
_atom_site.B_iso_or_equiv 
_atom_site.pdbx_formal_charge 
_atom_site.auth_seq_id 
_atom_site.auth_comp_id 
_atom_site.auth_asym_id 
_atom_site.auth_atom_id 
_atom_site.pdbx_PDB_model_num 
ATOM 1   C CA . GLY A 1 3   F 2.223   25.699  13.549  1.00 60.00 ? 1   GLY L CA 1 
ATOM 2   C CA . SER A 1 4   E 4.701   26.319  16.285  1.00 59.43 ? 1   SER L CA 1 
ATOM 3   C CA . GLY A 1 5   D 7.421   23.574  16.272  1.00 55.99 ? 1   GLY L CA 1 
ATOM 4   C CA . GLU A 1 6   C 6.042   20.295  14.968  1.00 54.23 ? 1   GLU L CA 1 
ATOM 5   C CA . ALA A 1 7   B 3.688   20.834  12.022  1.00 62.48 ? 1   ALA L CA 1 
ATOM 6   C CA . ASP A 1 8   A -0.067  20.434  11.908  1.00 50.51 ? 1   ASP L CA 1 
ATOM 7   C CA . CYS A 1 9   ? 0.262   16.736  10.611  1.00 20.66 ? 1   CYS L CA 1 
ATOM 8   C CA . GLY A 1 10  ? -2.541  14.263  10.592  1.00 20.71 ? 2   GLY L CA 1 
ATOM 9   C CA . LEU A 1 11  ? -5.368  16.786  11.090  1.00 31.83 ? 3   LEU L CA 1 
ATOM 10  C CA . ARG A 1 12  ? -7.623  16.718  8.110   1.00 19.55 ? 4   ARG L CA 1 
ATOM 11  C CA . PRO A 1 13  ? -8.848  20.188  7.034   1.00 29.25 ? 5   PRO L CA 1 
ATOM 12  C CA . LEU A 1 14  ? -12.230 18.771  6.011   1.00 31.45 ? 6   LEU L CA 1 
ATOM 13  C CA . PHE A 1 15  ? -12.844 16.614  9.102   1.00 24.62 ? 7   PHE L CA 1 
ATOM 14  C CA . GLU A 1 16  ? -10.904 17.088  12.361  1.00 31.36 ? 8   GLU L CA 1 
ATOM 15  C CA . LYS A 1 17  ? -10.469 20.726  11.518  1.00 35.93 ? 9   LYS L CA 1 
ATOM 16  C CA . LYS A 1 18  ? -14.234 21.122  10.957  1.00 26.80 ? 10  LYS L CA 1 
ATOM 17  C CA . SER A 1 19  ? -14.979 18.897  13.907  1.00 49.02 ? 11  SER L CA 1 
ATOM 18  C CA . LEU A 1 20  ? -16.574 16.370  11.532  1.00 36.30 ? 12  LEU L CA 1 
ATOM 19  C CA . GLU A 1 21  ? -16.159 12.562  11.594  1.00 33.08 ? 13  GLU L CA 1 
ATOM 20  C CA . ASP A 1 22  ? -15.799 10.393  8.506   1.00 31.76 ? 14  ASP L CA 1 
ATOM 21  C CA . LYS A 1 23  A -18.232 7.615   8.021   1.00 36.81 ? 14  LYS L CA 1 
ATOM 22  C CA . THR A 1 24  B -16.136 4.694   9.224   1.00 28.14 ? 14  THR L CA 1 
ATOM 23  C CA . GLU A 1 25  C -13.972 6.549   11.628  1.00 19.03 ? 14  GLU L CA 1 
ATOM 24  C CA . ARG A 1 26  D -15.896 5.480   14.784  1.00 41.28 ? 14  ARG L CA 1 
ATOM 25  C CA . GLU A 1 27  E -15.168 1.754   13.914  1.00 28.57 ? 14  GLU L CA 1 
ATOM 26  C CA . LEU A 1 28  F -11.389 2.384   14.377  1.00 28.99 ? 14  LEU L CA 1 
ATOM 27  C CA . LEU A 1 29  G -11.978 4.338   17.569  1.00 26.58 ? 14  LEU L CA 1 
ATOM 28  C CA . GLU A 1 30  H -14.197 1.613   19.055  1.00 34.33 ? 14  GLU L CA 1 
ATOM 29  C CA . SER A 1 31  I -11.626 -1.164  18.343  1.00 24.44 ? 14  SER L CA 1 
ATOM 30  C CA . TYR A 1 32  J -9.467  0.545   21.017  1.00 47.32 ? 14  TYR L CA 1 
ATOM 31  C CA . ILE A 1 33  K -12.108 0.161   23.724  1.00 44.96 ? 14  ILE L CA 1 
ATOM 32  C CA . ASP A 1 34  L -12.626 -3.421  22.486  1.00 45.16 ? 14  ASP L CA 1 
ATOM 33  C CA . GLY A 1 35  M -14.820 -3.704  19.355  1.00 63.43 ? 14  GLY L CA 1 
ATOM 34  C CA . ARG A 1 36  ? -13.182 -5.391  16.312  0.00 0.00  ? 15  ARG L CA 1 
ATOM 35  C CA . ILE B 2 1   ? -8.977  -2.606  -2.241  1.00 19.87 ? 16  ILE H CA 1 
ATOM 36  C CA . VAL B 2 2   ? -11.192 -5.613  -1.718  1.00 26.98 ? 17  VAL H CA 1 
ATOM 37  C CA . GLU B 2 3   ? -14.527 -5.385  0.127   1.00 22.78 ? 18  GLU H CA 1 
ATOM 38  C CA . GLY B 2 4   ? -14.257 -1.679  0.832   1.00 34.47 ? 19  GLY H CA 1 
ATOM 39  C CA . SER B 2 5   ? -16.150 1.519   0.112   1.00 21.52 ? 20  SER H CA 1 
ATOM 40  C CA . ASP B 2 6   ? -15.636 4.763   -1.616  1.00 25.45 ? 21  ASP H CA 1 
ATOM 41  C CA . ALA B 2 7   ? -13.605 7.248   0.329   1.00 15.92 ? 22  ALA H CA 1 
ATOM 42  C CA . GLU B 2 8   ? -15.109 10.657  1.118   1.00 23.49 ? 23  GLU H CA 1 
ATOM 43  C CA . ILE B 2 9   ? -13.503 13.691  -0.432  1.00 35.11 ? 24  ILE H CA 1 
ATOM 44  C CA . GLY B 2 10  ? -10.519 14.783  1.655   1.00 29.34 ? 25  GLY H CA 1 
ATOM 45  C CA . MET B 2 11  ? -10.747 11.842  4.059   1.00 16.50 ? 26  MET H CA 1 
ATOM 46  C CA . SER B 2 12  ? -7.184  10.894  3.368   1.00 19.62 ? 27  SER H CA 1 
ATOM 47  C CA . PRO B 2 13  ? -5.490  14.086  2.194   1.00 11.79 ? 28  PRO H CA 1 
ATOM 48  C CA . TRP B 2 14  ? -2.091  12.439  2.447   1.00 19.95 ? 29  TRP H CA 1 
ATOM 49  C CA . GLN B 2 15  ? -2.836  9.734   -0.209  1.00 25.84 ? 30  GLN H CA 1 
ATOM 50  C CA . VAL B 2 16  ? -0.512  9.935   -3.199  1.00 21.72 ? 31  VAL H CA 1 
ATOM 51  C CA . MET B 2 17  ? -0.728  8.172   -6.524  1.00 19.52 ? 32  MET H CA 1 
ATOM 52  C CA . LEU B 2 18  ? 2.603   7.112   -8.121  1.00 26.40 ? 33  LEU H CA 1 
ATOM 53  C CA . PHE B 2 19  ? 1.903   7.494   -11.843 1.00 26.41 ? 34  PHE H CA 1 
ATOM 54  C CA . ARG B 2 20  ? 4.042   6.215   -14.745 1.00 24.61 ? 35  ARG H CA 1 
ATOM 55  C CA . LYS B 2 21  ? 4.776   8.768   -17.538 1.00 25.23 ? 36  LYS H CA 1 
ATOM 56  C CA . SER B 2 22  A 4.837   6.244   -20.483 1.00 32.01 ? 36  SER H CA 1 
ATOM 57  C CA . PRO B 2 23  ? 2.836   4.230   -20.754 1.00 32.65 ? 37  PRO H CA 1 
ATOM 58  C CA . GLN B 2 24  ? 0.391   6.071   -18.430 1.00 26.38 ? 38  GLN H CA 1 
ATOM 59  C CA . GLU B 2 25  ? -0.306  3.738   -15.550 1.00 17.31 ? 39  GLU H CA 1 
ATOM 60  C CA . LEU B 2 26  ? -1.111  3.859   -11.913 1.00 30.93 ? 40  LEU H CA 1 
ATOM 61  C CA . LEU B 2 27  ? 1.873   2.109   -10.426 1.00 28.80 ? 41  LEU H CA 1 
ATOM 62  C CA . CYS B 2 28  ? 1.417   2.361   -6.653  1.00 22.40 ? 42  CYS H CA 1 
ATOM 63  C CA . GLY B 2 29  ? 0.095   4.235   -3.682  1.00 21.48 ? 43  GLY H CA 1 
ATOM 64  C CA . ALA B 2 30  ? 2.042   6.451   -1.357  1.00 24.92 ? 44  ALA H CA 1 
ATOM 65  C CA . SER B 2 31  ? 1.794   9.109   1.369   1.00 21.25 ? 45  SER H CA 1 
ATOM 66  C CA . LEU B 2 32  ? 2.724   12.741  1.987   1.00 29.33 ? 46  LEU H CA 1 
ATOM 67  C CA . ILE B 2 33  ? 4.826   13.083  5.182   1.00 27.21 ? 47  ILE H CA 1 
ATOM 68  C CA . SER B 2 34  ? 6.165   16.534  4.457   1.00 20.70 ? 48  SER H CA 1 
ATOM 69  C CA . ASP B 2 35  ? 5.468   19.048  1.810   1.00 23.16 ? 49  ASP H CA 1 
ATOM 70  C CA . ARG B 2 36  ? 8.600   17.810  -0.027  1.00 24.91 ? 50  ARG H CA 1 
ATOM 71  C CA . TRP B 2 37  ? 8.796   14.044  0.990   1.00 16.58 ? 51  TRP H CA 1 
ATOM 72  C CA . VAL B 2 38  ? 6.806   11.007  -0.104  1.00 26.35 ? 52  VAL H CA 1 
ATOM 73  C CA . LEU B 2 39  ? 6.835   7.668   1.558   1.00 21.94 ? 53  LEU H CA 1 
ATOM 74  C CA . THR B 2 40  ? 6.156   4.528   -0.562  1.00 26.09 ? 54  THR H CA 1 
ATOM 75  C CA . ALA B 2 41  ? 7.306   0.836   -0.797  1.00 22.94 ? 55  ALA H CA 1 
ATOM 76  C CA . ALA B 2 42  ? 10.709  0.055   -2.282  1.00 20.42 ? 56  ALA H CA 1 
ATOM 77  C CA . HIS B 2 43  ? 9.208   -2.582  -4.590  1.00 18.19 ? 57  HIS H CA 1 
ATOM 78  C CA . CYS B 2 44  ? 7.288   0.173   -6.392  1.00 18.56 ? 58  CYS H CA 1 
ATOM 79  C CA . LEU B 2 45  ? 10.508  1.536   -7.624  1.00 33.88 ? 59  LEU H CA 1 
ATOM 80  C CA . LEU B 2 46  ? 12.883  -1.371  -7.682  1.00 30.67 ? 60  LEU H CA 1 
ATOM 81  C CA . TYR B 2 47  A 11.787  -4.940  -8.367  1.00 39.50 ? 60  TYR H CA 1 
ATOM 82  C CA . PRO B 2 48  B 14.230  -6.836  -10.445 1.00 39.61 ? 60  PRO H CA 1 
ATOM 83  C CA . PRO B 2 49  C 12.051  -9.950  -11.024 1.00 36.28 ? 60  PRO H CA 1 
ATOM 84  C CA . TRP B 2 50  D 9.857   -7.556  -13.222 1.00 36.39 ? 60  TRP H CA 1 
ATOM 85  C CA . ASP B 2 51  E 12.830  -5.555  -14.668 1.00 45.55 ? 60  ASP H CA 1 
ATOM 86  C CA . LYS B 2 52  F 11.453  -2.714  -12.780 1.00 41.82 ? 60  LYS H CA 1 
ATOM 87  C CA . ASN B 2 53  G 14.002  -0.134  -11.835 1.00 30.08 ? 60  ASN H CA 1 
ATOM 88  C CA . PHE B 2 54  H 12.496  3.317   -12.362 1.00 31.14 ? 60  PHE H CA 1 
ATOM 89  C CA . THR B 2 55  I 14.401  6.565   -12.175 1.00 30.49 ? 60  THR H CA 1 
ATOM 90  C CA . GLU B 2 56  ? 13.318  9.983   -11.015 1.00 39.14 ? 61  GLU H CA 1 
ATOM 91  C CA . ASN B 2 57  ? 12.220  10.925  -14.532 1.00 43.74 ? 62  ASN H CA 1 
ATOM 92  C CA . ASP B 2 58  ? 10.129  7.761   -15.184 1.00 34.41 ? 63  ASP H CA 1 
ATOM 93  C CA . LEU B 2 59  ? 7.383   8.821   -12.807 1.00 33.15 ? 64  LEU H CA 1 
ATOM 94  C CA . LEU B 2 60  ? 4.921   11.378  -11.535 1.00 26.56 ? 65  LEU H CA 1 
ATOM 95  C CA . VAL B 2 61  ? 3.419   11.924  -8.126  1.00 30.91 ? 66  VAL H CA 1 
ATOM 96  C CA . ARG B 2 62  ? -0.250  13.035  -8.138  1.00 25.72 ? 67  ARG H CA 1 
ATOM 97  C CA . ILE B 2 63  ? -1.533  14.522  -4.872  1.00 22.92 ? 68  ILE H CA 1 
ATOM 98  C CA . GLY B 2 64  ? -4.946  15.368  -3.564  1.00 27.08 ? 69  GLY H CA 1 
ATOM 99  C CA . LYS B 2 65  ? -6.904  12.915  -5.864  1.00 26.99 ? 70  LYS H CA 1 
ATOM 100 C CA . HIS B 2 66  ? -10.317 11.396  -5.423  1.00 19.27 ? 71  HIS H CA 1 
ATOM 101 C CA . SER B 2 67  ? -10.957 9.939   -8.842  1.00 28.99 ? 72  SER H CA 1 
ATOM 102 C CA . ARG B 2 68  ? -8.752  7.195   -10.130 1.00 27.16 ? 73  ARG H CA 1 
ATOM 103 C CA . THR B 2 69  ? -8.668  8.238   -13.851 1.00 20.83 ? 74  THR H CA 1 
ATOM 104 C CA . ARG B 2 70  ? -9.692  11.825  -13.995 1.00 25.97 ? 75  ARG H CA 1 
ATOM 105 C CA . TYR B 2 71  ? -7.433  14.854  -14.252 1.00 21.14 ? 76  TYR H CA 1 
ATOM 106 C CA . GLU B 2 72  ? -8.870  16.849  -11.313 1.00 24.28 ? 77  GLU H CA 1 
ATOM 107 C CA . ARG B 2 73  A -7.877  20.391  -12.553 1.00 39.54 ? 77  ARG H CA 1 
ATOM 108 C CA . ASN B 2 74  ? -8.170  22.587  -9.447  1.00 47.78 ? 78  ASN H CA 1 
ATOM 109 C CA . ILE B 2 75  ? -7.710  19.960  -6.755  1.00 33.82 ? 79  ILE H CA 1 
ATOM 110 C CA . GLU B 2 76  ? -4.845  17.603  -7.470  1.00 20.69 ? 80  GLU H CA 1 
ATOM 111 C CA . LYS B 2 77  ? -1.207  18.611  -7.653  1.00 23.85 ? 81  LYS H CA 1 
ATOM 112 C CA . ILE B 2 78  ? 1.211   16.901  -10.033 1.00 31.32 ? 82  ILE H CA 1 
ATOM 113 C CA . SER B 2 79  ? 4.821   16.893  -9.063  1.00 25.20 ? 83  SER H CA 1 
ATOM 114 C CA . MET B 2 80  ? 8.189   15.908  -10.417 1.00 39.55 ? 84  MET H CA 1 
ATOM 115 C CA . LEU B 2 81  ? 10.739  13.994  -8.400  1.00 31.59 ? 85  LEU H CA 1 
ATOM 116 C CA . GLU B 2 82  ? 14.138  15.259  -7.549  1.00 29.02 ? 86  GLU H CA 1 
ATOM 117 C CA . LYS B 2 83  ? 15.563  12.054  -6.154  1.00 32.29 ? 87  LYS H CA 1 
ATOM 118 C CA . ILE B 2 84  ? 14.651  8.622   -5.011  1.00 23.96 ? 88  ILE H CA 1 
ATOM 119 C CA . TYR B 2 85  ? 16.031  6.792   -1.963  1.00 21.88 ? 89  TYR H CA 1 
ATOM 120 C CA . ILE B 2 86  ? 15.750  3.082   -1.360  1.00 38.57 ? 90  ILE H CA 1 
ATOM 121 C CA . HIS B 2 87  ? 16.653  1.318   1.821   1.00 27.53 ? 91  HIS H CA 1 
ATOM 122 C CA . PRO B 2 88  ? 20.129  -0.154  1.322   1.00 40.74 ? 92  PRO H CA 1 
ATOM 123 C CA . ARG B 2 89  ? 19.006  -3.473  2.890   1.00 29.28 ? 93  ARG H CA 1 
ATOM 124 C CA . TYR B 2 90  ? 15.809  -3.878  0.875   1.00 41.47 ? 94  TYR H CA 1 
ATOM 125 C CA . ASN B 2 91  ? 15.677  -7.594  0.144   1.00 49.56 ? 95  ASN H CA 1 
ATOM 126 C CA . TRP B 2 92  ? 13.552  -8.268  -2.866  1.00 44.81 ? 96  TRP H CA 1 
ATOM 127 C CA . ARG B 2 93  ? 14.711  -11.818 -2.660  1.00 61.74 ? 97  ARG H CA 1 
ATOM 128 C CA . GLU B 2 94  A 11.675  -13.273 -1.001  1.00 47.16 ? 97  GLU H CA 1 
ATOM 129 C CA . ASN B 2 95  ? 11.291  -11.535 2.093   1.00 47.79 ? 98  ASN H CA 1 
ATOM 130 C CA . LEU B 2 96  ? 10.564  -8.084  0.798   1.00 42.37 ? 99  LEU H CA 1 
ATOM 131 C CA . ASP B 2 97  ? 12.286  -7.165  4.005   1.00 31.95 ? 100 ASP H CA 1 
ATOM 132 C CA . ARG B 2 98  ? 12.714  -3.431  4.566   1.00 23.96 ? 101 ARG H CA 1 
ATOM 133 C CA . ASP B 2 99  ? 10.295  -2.569  1.839   1.00 36.02 ? 102 ASP H CA 1 
ATOM 134 C CA . ILE B 2 100 ? 10.593  1.217   2.113   1.00 29.10 ? 103 ILE H CA 1 
ATOM 135 C CA . ALA B 2 101 ? 11.583  4.071   -0.151  1.00 25.93 ? 104 ALA H CA 1 
ATOM 136 C CA . LEU B 2 102 ? 11.530  7.860   -0.008  1.00 23.69 ? 105 LEU H CA 1 
ATOM 137 C CA . MET B 2 103 ? 11.154  10.275  -2.868  1.00 24.65 ? 106 MET H CA 1 
ATOM 138 C CA . LYS B 2 104 ? 11.897  13.958  -2.696  1.00 32.90 ? 107 LYS H CA 1 
ATOM 139 C CA . LEU B 2 105 ? 9.888   16.358  -4.685  1.00 35.55 ? 108 LEU H CA 1 
ATOM 140 C CA . LYS B 2 106 ? 11.503  18.835  -7.023  1.00 32.32 ? 109 LYS H CA 1 
ATOM 141 C CA . LYS B 2 107 ? 9.493   21.664  -5.523  1.00 35.79 ? 110 LYS H CA 1 
ATOM 142 C CA . PRO B 2 108 ? 7.361   21.570  -2.431  1.00 30.77 ? 111 PRO H CA 1 
ATOM 143 C CA . VAL B 2 109 ? 3.593   21.251  -2.660  1.00 33.58 ? 112 VAL H CA 1 
ATOM 144 C CA . ALA B 2 110 ? 1.139   23.644  -1.123  1.00 39.52 ? 113 ALA H CA 1 
ATOM 145 C CA . PHE B 2 111 ? -1.387  22.106  1.260   1.00 28.44 ? 114 PHE H CA 1 
ATOM 146 C CA . SER B 2 112 ? -5.208  22.369  0.717   1.00 18.54 ? 115 SER H CA 1 
ATOM 147 C CA . ASP B 2 113 ? -8.344  20.870  2.041   1.00 26.00 ? 116 ASP H CA 1 
ATOM 148 C CA . TYR B 2 114 ? -7.254  17.846  -0.136  1.00 35.80 ? 117 TYR H CA 1 
ATOM 149 C CA . ILE B 2 115 ? -3.433  17.816  0.385   1.00 23.76 ? 118 ILE H CA 1 
ATOM 150 C CA . HIS B 2 116 ? -2.119  17.542  3.916   1.00 20.72 ? 119 HIS H CA 1 
ATOM 151 C CA . PRO B 2 117 ? 0.585   15.396  5.621   1.00 21.88 ? 120 PRO H CA 1 
ATOM 152 C CA . VAL B 2 118 ? 0.051   12.406  7.851   1.00 22.49 ? 121 VAL H CA 1 
ATOM 153 C CA . CYS B 2 119 ? 2.070   11.918  11.078  1.00 24.58 ? 122 CYS H CA 1 
ATOM 154 C CA . LEU B 2 120 ? 4.988   9.554   11.672  1.00 26.47 ? 123 LEU H CA 1 
ATOM 155 C CA . PRO B 2 121 ? 4.646   7.962   15.116  1.00 31.38 ? 124 PRO H CA 1 
ATOM 156 C CA . ASP B 2 122 ? 6.937   8.007   18.014  1.00 28.59 ? 125 ASP H CA 1 
ATOM 157 C CA . ARG B 2 123 ? 7.850   5.136   20.250  1.00 32.92 ? 126 ARG H CA 1 
ATOM 158 C CA . GLU B 2 124 ? 5.022   5.593   22.614  1.00 27.58 ? 127 GLU H CA 1 
ATOM 159 C CA . THR B 2 125 ? 2.366   5.997   19.952  1.00 30.77 ? 128 THR H CA 1 
ATOM 160 C CA . ALA B 2 126 ? 3.673   2.950   18.180  1.00 32.31 ? 129 ALA H CA 1 
ATOM 161 C CA . ALA B 2 127 A 3.716   1.073   21.498  1.00 41.75 ? 129 ALA H CA 1 
ATOM 162 C CA . SER B 2 128 B 0.245   2.214   22.429  1.00 24.49 ? 129 SER H CA 1 
ATOM 163 C CA . LEU B 2 129 C -1.511  1.743   19.051  1.00 27.60 ? 129 LEU H CA 1 
ATOM 164 C CA . LEU B 2 130 ? 0.165   -1.289  17.413  1.00 27.32 ? 130 LEU H CA 1 
ATOM 165 C CA . GLN B 2 131 ? -1.792  -3.983  19.244  1.00 26.79 ? 131 GLN H CA 1 
ATOM 166 C CA . ALA B 2 132 ? -3.436  -7.026  17.766  1.00 28.08 ? 132 ALA H CA 1 
ATOM 167 C CA . GLY B 2 133 ? -7.159  -6.388  17.547  1.00 37.50 ? 133 GLY H CA 1 
ATOM 168 C CA . TYR B 2 134 ? -6.743  -2.722  16.950  1.00 28.85 ? 134 TYR H CA 1 
ATOM 169 C CA . LYS B 2 135 ? -7.931  -1.593  13.590  1.00 29.60 ? 135 LYS H CA 1 
ATOM 170 C CA . GLY B 2 136 ? -6.119  0.605   11.027  1.00 20.17 ? 136 GLY H CA 1 
ATOM 171 C CA . ARG B 2 137 ? -7.232  1.934   7.651   1.00 22.33 ? 137 ARG H CA 1 
ATOM 172 C CA . VAL B 2 138 ? -5.857  1.188   4.213   1.00 21.12 ? 138 VAL H CA 1 
ATOM 173 C CA . THR B 2 139 ? -6.683  3.281   1.138   1.00 28.76 ? 139 THR H CA 1 
ATOM 174 C CA . GLY B 2 140 ? -5.922  2.765   -2.548  1.00 20.49 ? 140 GLY H CA 1 
ATOM 175 C CA . TRP B 2 141 ? -7.102  2.686   -6.147  1.00 22.57 ? 141 TRP H CA 1 
ATOM 176 C CA . GLY B 2 142 ? -5.976  -0.945  -6.682  1.00 25.66 ? 142 GLY H CA 1 
ATOM 177 C CA . ASN B 2 143 ? -8.085  -3.953  -7.555  1.00 23.60 ? 143 ASN H CA 1 
ATOM 178 C CA . LEU B 2 144 ? -11.603 -4.668  -6.382  1.00 17.78 ? 144 LEU H CA 1 
ATOM 179 C CA . LYS B 2 145 ? -11.053 -8.438  -6.542  1.00 24.71 ? 145 LYS H CA 1 
ATOM 180 C CA . GLU B 2 146 ? -8.127  -10.769 -6.901  1.00 23.57 ? 146 GLU H CA 1 
ATOM 181 C CA . THR B 2 147 ? -9.466  -11.876 -10.210 1.00 31.29 ? 147 THR H CA 1 
ATOM 182 C CA . TRP B 2 148 ? -12.659 -11.299 -12.174 1.00 33.36 ? 148 TRP H CA 1 
ATOM 183 C CA . THR B 2 149 ? -14.390 -12.213 -15.433 1.00 39.09 ? 149 THR H CA 1 
ATOM 184 C CA . ALA B 2 150 A -12.647 -10.345 -18.192 1.00 26.67 ? 149 ALA H CA 1 
ATOM 185 C CA . ASN B 2 151 B -14.484 -7.527  -19.923 1.00 27.60 ? 149 ASN H CA 1 
ATOM 186 C CA . VAL B 2 152 C -17.561 -7.969  -17.759 1.00 40.76 ? 149 VAL H CA 1 
ATOM 187 C CA . GLY B 2 153 D -17.250 -4.841  -15.656 1.00 60.20 ? 149 GLY H CA 1 
ATOM 188 C CA . LYS B 2 154 E -14.473 -2.956  -14.249 1.00 48.23 ? 149 LYS H CA 1 
ATOM 189 C CA . GLY B 2 155 ? -12.063 -4.588  -11.734 1.00 32.51 ? 150 GLY H CA 1 
ATOM 190 C CA . GLN B 2 156 ? -10.619 -1.290  -10.520 1.00 26.77 ? 151 GLN H CA 1 
ATOM 191 C CA . PRO B 2 157 ? -12.530 1.525   -8.843  1.00 21.06 ? 152 PRO H CA 1 
ATOM 192 C CA . SER B 2 158 ? -13.378 4.905   -10.266 1.00 36.45 ? 153 SER H CA 1 
ATOM 193 C CA . VAL B 2 159 ? -12.817 6.580   -6.901  1.00 26.11 ? 154 VAL H CA 1 
ATOM 194 C CA . LEU B 2 160 ? -10.387 5.957   -3.961  1.00 18.53 ? 155 LEU H CA 1 
ATOM 195 C CA . GLN B 2 161 ? -11.451 2.985   -1.771  1.00 16.94 ? 156 GLN H CA 1 
ATOM 196 C CA . VAL B 2 162 ? -11.305 2.599   2.029   1.00 22.81 ? 157 VAL H CA 1 
ATOM 197 C CA . VAL B 2 163 ? -11.303 -0.482  4.303   1.00 30.28 ? 158 VAL H CA 1 
ATOM 198 C CA . ASN B 2 164 ? -10.658 -0.818  8.055   1.00 25.53 ? 159 ASN H CA 1 
ATOM 199 C CA . LEU B 2 165 ? -8.645  -3.905  9.146   1.00 29.38 ? 160 LEU H CA 1 
ATOM 200 C CA . PRO B 2 166 ? -7.491  -5.294  12.456  1.00 36.31 ? 161 PRO H CA 1 
ATOM 201 C CA . ILE B 2 167 ? -3.886  -5.992  13.348  1.00 26.43 ? 162 ILE H CA 1 
ATOM 202 C CA . VAL B 2 168 ? -3.296  -9.715  13.729  1.00 41.81 ? 163 VAL H CA 1 
ATOM 203 C CA . GLU B 2 169 ? -1.098  -11.339 16.382  1.00 30.03 ? 164 GLU H CA 1 
ATOM 204 C CA . ARG B 2 170 ? 2.398   -12.034 15.006  1.00 35.97 ? 165 ARG H CA 1 
ATOM 205 C CA . PRO B 2 171 ? 2.292   -15.893 15.631  1.00 35.91 ? 166 PRO H CA 1 
ATOM 206 C CA . VAL B 2 172 ? -0.941  -16.084 13.573  1.00 35.35 ? 167 VAL H CA 1 
ATOM 207 C CA . CYS B 2 173 ? 0.811   -14.107 10.875  1.00 30.88 ? 168 CYS H CA 1 
ATOM 208 C CA . LYS B 2 174 ? 3.839   -16.320 11.015  1.00 39.05 ? 169 LYS H CA 1 
ATOM 209 C CA . ASP B 2 175 ? 1.588   -19.285 10.904  1.00 37.16 ? 170 ASP H CA 1 
ATOM 210 C CA . SER B 2 176 ? -0.332  -17.981 7.937   1.00 43.76 ? 171 SER H CA 1 
ATOM 211 C CA . THR B 2 177 ? 2.479   -18.197 5.336   1.00 48.86 ? 172 THR H CA 1 
ATOM 212 C CA . ARG B 2 178 ? 5.631   -20.164 4.444   1.00 39.19 ? 173 ARG H CA 1 
ATOM 213 C CA . ILE B 2 179 ? 7.623   -17.004 3.858   1.00 43.22 ? 174 ILE H CA 1 
ATOM 214 C CA . ARG B 2 180 ? 10.023  -15.900 6.622   1.00 38.78 ? 175 ARG H CA 1 
ATOM 215 C CA . ILE B 2 181 ? 8.271   -13.033 8.400   1.00 47.83 ? 176 ILE H CA 1 
ATOM 216 C CA . THR B 2 182 ? 10.622  -10.434 10.046  1.00 33.90 ? 177 THR H CA 1 
ATOM 217 C CA . ASP B 2 183 ? 10.217  -7.706  12.623  1.00 30.68 ? 178 ASP H CA 1 
ATOM 218 C CA . ASN B 2 184 ? 10.121  -5.136  9.913   1.00 21.02 ? 179 ASN H CA 1 
ATOM 219 C CA . MET B 2 185 ? 6.634   -6.537  9.080   1.00 33.19 ? 180 MET H CA 1 
ATOM 220 C CA . PHE B 2 186 ? 3.271   -6.950  10.555  1.00 33.55 ? 181 PHE H CA 1 
ATOM 221 C CA . CYS B 2 187 ? 0.107   -8.450  9.011   1.00 20.62 ? 182 CYS H CA 1 
ATOM 222 C CA . ALA B 2 188 ? -3.493  -7.254  9.128   1.00 30.67 ? 183 ALA H CA 1 
ATOM 223 C CA . GLY B 2 189 ? -6.998  -8.487  8.186   1.00 30.19 ? 184 GLY H CA 1 
ATOM 224 C CA . TYR B 2 190 A -9.963  -10.412 9.578   1.00 27.94 ? 184 TYR H CA 1 
ATOM 225 C CA . LYS B 2 191 ? -9.734  -14.058 10.613  1.00 34.13 ? 185 LYS H CA 1 
ATOM 226 C CA . PRO B 2 192 ? -11.918 -16.523 8.721   1.00 51.30 ? 186 PRO H CA 1 
ATOM 227 C CA . ASP B 2 193 A -14.095 -16.995 11.626  1.00 58.09 ? 186 ASP H CA 1 
ATOM 228 C CA . GLU B 2 194 B -14.476 -13.289 11.918  1.00 38.91 ? 186 GLU H CA 1 
ATOM 229 C CA . GLY B 2 195 C -17.447 -12.595 9.759   1.00 59.15 ? 186 GLY H CA 1 
ATOM 230 C CA . LYS B 2 196 D -15.909 -9.545  7.962   1.00 37.54 ? 186 LYS H CA 1 
ATOM 231 C CA . ARG B 2 197 ? -13.482 -9.457  5.017   1.00 30.19 ? 187 ARG H CA 1 
ATOM 232 C CA . GLY B 2 198 ? -11.338 -7.077  3.108   1.00 20.19 ? 188 GLY H CA 1 
ATOM 233 C CA . ASP B 2 199 ? -7.788  -6.637  1.943   1.00 25.05 ? 189 ASP H CA 1 
ATOM 234 C CA . ALA B 2 200 ? -5.506  -4.515  -0.095  1.00 26.20 ? 190 ALA H CA 1 
ATOM 235 C CA . CYS B 2 201 ? -4.896  -5.781  -3.624  1.00 31.83 ? 191 CYS H CA 1 
ATOM 236 C CA . GLU B 2 202 ? -2.798  -5.057  -6.707  1.00 27.27 ? 192 GLU H CA 1 
ATOM 237 C CA . GLY B 2 203 ? -2.567  -1.351  -7.322  1.00 18.25 ? 193 GLY H CA 1 
ATOM 238 C CA . ASP B 2 204 ? -2.665  -0.484  -3.547  1.00 30.54 ? 194 ASP H CA 1 
ATOM 239 C CA . SER B 2 205 ? 1.001   -1.288  -2.646  1.00 20.97 ? 195 SER H CA 1 
ATOM 240 C CA . GLY B 2 206 ? 3.044   1.553   -1.367  1.00 22.58 ? 196 GLY H CA 1 
ATOM 241 C CA . GLY B 2 207 ? -0.004  3.167   0.270   1.00 22.32 ? 197 GLY H CA 1 
ATOM 242 C CA . PRO B 2 208 ? -0.514  4.089   3.956   1.00 19.24 ? 198 PRO H CA 1 
ATOM 243 C CA . PHE B 2 209 ? -1.846  1.845   6.717   1.00 19.20 ? 199 PHE H CA 1 
ATOM 244 C CA . VAL B 2 210 ? -3.081  4.605   9.184   1.00 22.03 ? 200 VAL H CA 1 
ATOM 245 C CA . MET B 2 211 ? -4.294  4.759   12.784  1.00 15.76 ? 201 MET H CA 1 
ATOM 246 C CA . LYS B 2 212 ? -5.967  7.671   14.576  1.00 26.79 ? 202 LYS H CA 1 
ATOM 247 C CA . SER B 2 213 ? -4.917  8.537   18.233  1.00 26.56 ? 203 SER H CA 1 
ATOM 248 C CA . PRO B 2 214 ? -7.970  9.071   20.456  1.00 30.55 ? 204 PRO H CA 1 
ATOM 249 C CA . PHE B 2 215 A -6.122  11.396  22.859  1.00 24.23 ? 204 PHE H CA 1 
ATOM 250 C CA . ASN B 2 216 B -4.798  13.768  20.201  1.00 35.24 ? 204 ASN H CA 1 
ATOM 251 C CA . ASN B 2 217 ? -7.265  13.158  17.363  1.00 30.43 ? 205 ASN H CA 1 
ATOM 252 C CA . ARG B 2 218 ? -4.353  12.659  14.941  1.00 26.77 ? 206 ARG H CA 1 
ATOM 253 C CA . TRP B 2 219 ? -3.620  10.303  12.118  1.00 16.90 ? 207 TRP H CA 1 
ATOM 254 C CA . TYR B 2 220 ? -0.369  8.406   12.210  1.00 16.76 ? 208 TYR H CA 1 
ATOM 255 C CA . GLN B 2 221 ? 1.227   6.248   9.492   1.00 23.12 ? 209 GLN H CA 1 
ATOM 256 C CA . MET B 2 222 ? 1.964   2.846   10.938  1.00 18.37 ? 210 MET H CA 1 
ATOM 257 C CA . GLY B 2 223 ? 2.401   0.654   7.903   1.00 9.71  ? 211 GLY H CA 1 
ATOM 258 C CA . ILE B 2 224 ? 3.153   0.613   4.202   1.00 29.59 ? 212 ILE H CA 1 
ATOM 259 C CA . VAL B 2 225 ? 1.110   -1.850  2.065   1.00 19.67 ? 213 VAL H CA 1 
ATOM 260 C CA . SER B 2 226 ? 3.880   -4.337  1.208   1.00 20.17 ? 214 SER H CA 1 
ATOM 261 C CA . TRP B 2 227 ? 2.815   -7.807  -0.041  1.00 22.55 ? 215 TRP H CA 1 
ATOM 262 C CA . GLY B 2 228 ? 0.274   -10.605 -0.068  1.00 30.78 ? 216 GLY H CA 1 
ATOM 263 C CA . GLU B 2 229 ? -0.539  -14.151 -1.221  1.00 29.19 ? 217 GLU H CA 1 
ATOM 264 C CA . GLY B 2 230 ? -3.610  -13.283 -3.160  1.00 30.06 ? 219 GLY H CA 1 
ATOM 265 C CA . CYS B 2 231 ? -6.248  -10.785 -2.158  1.00 25.31 ? 220 CYS H CA 1 
ATOM 266 C CA . ASP B 2 232 ? -8.835  -11.493 0.491   1.00 30.13 ? 221 ASP H CA 1 
ATOM 267 C CA . ARG B 2 233 A -8.162  -15.228 0.740   1.00 29.57 ? 221 ARG H CA 1 
ATOM 268 C CA . ASP B 2 234 ? -9.483  -16.961 3.805   1.00 32.43 ? 222 ASP H CA 1 
ATOM 269 C CA . GLY B 2 235 ? -6.729  -17.551 6.424   1.00 29.69 ? 223 GLY H CA 1 
ATOM 270 C CA . LYS B 2 236 ? -4.291  -15.377 4.506   1.00 28.34 ? 224 LYS H CA 1 
ATOM 271 C CA . TYR B 2 237 ? -3.127  -11.894 5.726   1.00 35.59 ? 225 TYR H CA 1 
ATOM 272 C CA . GLY B 2 238 ? -1.970  -8.593  4.184   1.00 31.26 ? 226 GLY H CA 1 
ATOM 273 C CA . PHE B 2 239 ? 1.672   -7.624  5.059   1.00 25.52 ? 227 PHE H CA 1 
ATOM 274 C CA . TYR B 2 240 ? 2.773   -4.159  5.767   1.00 19.80 ? 228 TYR H CA 1 
ATOM 275 C CA . THR B 2 241 ? 6.202   -2.576  6.298   1.00 27.93 ? 229 THR H CA 1 
ATOM 276 C CA . HIS B 2 242 ? 6.576   -1.605  9.963   1.00 31.65 ? 230 HIS H CA 1 
ATOM 277 C CA . VAL B 2 243 ? 7.371   2.091   9.553   1.00 33.41 ? 231 VAL H CA 1 
ATOM 278 C CA . PHE B 2 244 ? 8.324   2.785   13.159  1.00 25.39 ? 232 PHE H CA 1 
ATOM 279 C CA . ARG B 2 245 ? 10.977  0.052   13.063  1.00 24.96 ? 233 ARG H CA 1 
ATOM 280 C CA . LEU B 2 246 ? 12.539  1.795   10.047  1.00 19.75 ? 234 LEU H CA 1 
ATOM 281 C CA . LYS B 2 247 ? 12.176  5.374   11.256  1.00 22.75 ? 235 LYS H CA 1 
ATOM 282 C CA . LYS B 2 248 ? 15.934  5.873   11.893  1.00 31.75 ? 236 LYS H CA 1 
ATOM 283 C CA . TRP B 2 249 ? 16.538  5.292   8.164   1.00 19.69 ? 237 TRP H CA 1 
ATOM 284 C CA . ILE B 2 250 ? 13.843  7.888   7.413   1.00 30.64 ? 238 ILE H CA 1 
ATOM 285 C CA . GLN B 2 251 ? 15.624  10.252  9.779   1.00 27.20 ? 239 GLN H CA 1 
ATOM 286 C CA . LYS B 2 252 ? 18.982  9.580   8.241   1.00 27.72 ? 240 LYS H CA 1 
ATOM 287 C CA . VAL B 2 253 ? 17.948  10.446  4.656   1.00 20.83 ? 241 VAL H CA 1 
ATOM 288 C CA . ILE B 2 254 ? 15.592  13.342  5.406   1.00 27.46 ? 242 ILE H CA 1 
ATOM 289 C CA . ASP B 2 255 ? 18.365  14.841  7.550   1.00 46.34 ? 243 ASP H CA 1 
ATOM 290 C CA . GLN B 2 256 ? 15.896  17.419  8.727   1.00 51.62 ? 244 GLN H CA 1 
ATOM 291 C CA . PHE B 2 257 ? 18.299  19.222  11.013  1.00 57.02 ? 245 PHE H CA 1 
ATOM 292 C CA . ILE C 3 1   ? 3.394   -7.211  -4.446  1.00 42.70 ? 1   ILE I CA 1 
ATOM 293 C CA . THR C 3 2   ? 0.345   -9.464  -4.721  1.00 34.66 ? 2   THR I CA 1 
ATOM 294 C CA . TYR C 3 3   ? 1.321   -13.019 -5.647  1.00 34.82 ? 3   TYR I CA 1 
ATOM 295 C CA . THR C 3 4   ? -1.409  -14.542 -7.839  1.00 46.43 ? 4   THR I CA 1 
ATOM 296 C CA . ASP C 3 5   ? -1.938  -18.023 -9.355  1.00 31.33 ? 5   ASP I CA 1 
ATOM 297 C CA . CYS C 3 6   ? 0.666   -19.398 -11.819 1.00 47.21 ? 6   CYS I CA 1 
ATOM 298 C CA . THR C 3 7   ? -0.806  -19.340 -15.324 1.00 49.29 ? 7   THR I CA 1 
ATOM 299 C CA . GLU C 3 8   ? 1.851   -21.391 -16.997 1.00 44.31 ? 8   GLU I CA 1 
ATOM 300 C CA . SER C 3 9   ? 4.065   -24.224 -16.023 1.00 52.40 ? 9   SER I CA 1 
ATOM 301 C CA . GLY C 3 10  ? 7.632   -23.343 -15.036 1.00 53.58 ? 10  GLY I CA 1 
ATOM 302 C CA . GLN C 3 11  ? 6.362   -20.030 -13.695 1.00 58.41 ? 11  GLN I CA 1 
ATOM 303 C CA . ASN C 3 12  ? 7.684   -18.826 -10.403 1.00 52.39 ? 12  ASN I CA 1 
ATOM 304 C CA . LEU C 3 13  ? 6.867   -15.925 -8.013  1.00 36.54 ? 13  LEU I CA 1 
ATOM 305 C CA . CYS C 3 14  ? 3.257   -16.997 -8.206  1.00 29.62 ? 14  CYS I CA 1 
ATOM 306 C CA . LEU C 3 15  ? 0.797   -18.982 -6.117  1.00 29.83 ? 15  LEU I CA 1 
ATOM 307 C CA . CYS C 3 16  ? 1.437   -22.796 -6.864  1.00 45.01 ? 16  CYS I CA 1 
ATOM 308 C CA . GLU C 3 17  ? 0.499   -25.096 -4.051  1.00 41.58 ? 17  GLU I CA 1 
ATOM 309 C CA . GLY C 3 18  ? -2.731  -23.515 -2.888  1.00 58.59 ? 18  GLY I CA 1 
ATOM 310 C CA . SER C 3 19  ? -2.265  -19.997 -1.482  1.00 36.22 ? 19  SER I CA 1 
ATOM 311 C CA . ASN C 3 20  ? 1.445   -20.622 -1.248  1.00 41.48 ? 20  ASN I CA 1 
ATOM 312 C CA . VAL C 3 21  ? 4.063   -18.841 -3.257  1.00 45.81 ? 21  VAL I CA 1 
ATOM 313 C CA . CYS C 3 22  ? 6.505   -20.758 -5.354  1.00 40.53 ? 22  CYS I CA 1 
ATOM 314 C CA . GLY C 3 23  ? 9.727   -18.841 -4.639  1.00 48.47 ? 23  GLY I CA 1 
ATOM 315 C CA . LYS C 3 24  ? 12.931  -18.412 -6.672  1.00 50.28 ? 24  LYS I CA 1 
ATOM 316 C CA . GLY C 3 25  ? 15.052  -21.554 -7.177  1.00 50.30 ? 25  GLY I CA 1 
ATOM 317 C CA . ASN C 3 26  ? 11.626  -23.099 -7.693  1.00 38.52 ? 26  ASN I CA 1 
ATOM 318 C CA . LYS C 3 27  ? 9.385   -23.907 -10.574 1.00 50.31 ? 27  LYS I CA 1 
ATOM 319 C CA . CYS C 3 28  ? 5.731   -24.698 -10.726 1.00 55.17 ? 28  CYS I CA 1 
ATOM 320 C CA . ILE C 3 29  ? 4.476   -27.735 -12.524 1.00 55.82 ? 29  ILE I CA 1 
ATOM 321 C CA . LEU C 3 30  ? 0.626   -28.218 -12.648 1.00 45.38 ? 30  LEU I CA 1 
ATOM 322 C CA . GLY C 3 31  ? -1.493  -31.216 -13.371 1.00 60.00 ? 31  GLY I CA 1 
ATOM 323 C CA . SER C 3 32  ? -5.257  -31.611 -12.860 1.00 0.00  ? 32  SER I CA 1 
ATOM 324 C CA . ASN C 3 33  ? -7.221  -34.899 -12.831 1.00 0.00  ? 33  ASN I CA 1 
ATOM 325 C CA . GLY C 3 34  ? -8.103  -34.673 -9.253  1.00 0.00  ? 34  GLY I CA 1 
ATOM 326 C CA . LYS C 3 35  ? -5.496  -32.257 -7.984  1.00 0.00  ? 35  LYS I CA 1 
ATOM 327 C CA . GLY C 3 36  ? -1.720  -32.164 -8.437  1.00 49.48 ? 36  GLY I CA 1 
ATOM 328 C CA . ASN C 3 37  ? -0.032  -28.815 -8.644  1.00 39.81 ? 37  ASN I CA 1 
ATOM 329 C CA . GLN C 3 38  ? 3.539   -28.951 -7.465  1.00 50.07 ? 38  GLN I CA 1 
ATOM 330 C CA . CYS C 3 39  ? 6.237   -26.377 -6.724  1.00 59.38 ? 39  CYS I CA 1 
ATOM 331 C CA . VAL C 3 40  ? 9.588   -27.984 -7.412  1.00 53.62 ? 40  VAL I CA 1 
ATOM 332 C CA . THR C 3 41  ? 13.240  -26.943 -7.365  1.00 53.33 ? 41  THR I CA 1 
ATOM 333 C CA . GLY C 3 42  ? 14.223  -25.302 -10.585 1.00 59.82 ? 42  GLY I CA 1 
ATOM 334 C CA . GLU C 3 43  ? 14.898  -22.013 -12.162 1.00 61.66 ? 43  GLU I CA 1 
ATOM 335 C CA . GLY C 3 44  ? 11.394  -20.697 -12.920 1.00 56.36 ? 44  GLY I CA 1 
ATOM 336 C CA . THR C 3 45  ? 10.437  -17.566 -14.612 1.00 47.23 ? 45  THR I CA 1 
ATOM 337 C CA . PRO C 3 46  ? 8.345   -15.130 -12.671 1.00 48.12 ? 46  PRO I CA 1 
ATOM 338 C CA . LYS C 3 47  ? 4.708   -14.863 -13.652 1.00 53.08 ? 47  LYS I CA 1 
ATOM 339 C CA . PRO C 3 48  ? 4.530   -11.454 -15.294 1.00 52.14 ? 48  PRO I CA 1 
ATOM 340 C CA . GLU C 3 49  ? 3.437   -8.111  -13.903 1.00 36.37 ? 49  GLU I CA 1 
ATOM 341 C CA . SER C 3 50  ? -0.247  -7.986  -14.359 1.00 59.22 ? 50  SER I CA 1 
ATOM 342 C CA . HIS C 3 51  ? -0.580  -4.435  -15.561 1.00 49.69 ? 51  HIS I CA 1 
ATOM 343 C CA . ASN C 3 52  ? -3.919  -3.256  -14.198 0.00 0.00  ? 52  ASN I CA 1 
ATOM 344 C CA . ASN C 3 53  ? -5.384  0.148   -15.452 0.00 0.00  ? 53  ASN I CA 1 
ATOM 345 C CA . GLY C 3 54  ? -5.318  2.618   -18.356 0.00 0.00  ? 54  GLY I CA 1 
ATOM 346 C CA . ASP C 3 55  ? -8.502  4.628   -18.696 1.00 53.64 ? 55  ASP I CA 1 
ATOM 347 C CA . PHE C 3 56  ? -6.955  8.000   -17.830 1.00 36.04 ? 56  PHE I CA 1 
ATOM 348 C CA . GLU C 3 57  ? -7.810  11.544  -18.690 1.00 27.21 ? 57  GLU I CA 1 
ATOM 349 C CA . GLU C 3 58  ? -5.372  14.041  -20.147 1.00 35.69 ? 58  GLU I CA 1 
ATOM 350 C CA . ILE C 3 59  ? -2.645  15.427  -17.860 1.00 38.19 ? 59  ILE I CA 1 
ATOM 351 C CA . PRO C 3 60  ? -0.853  18.617  -19.005 1.00 42.33 ? 60  PRO I CA 1 
ATOM 352 C CA . GLU C 3 61  ? 1.889   17.483  -21.328 1.00 43.52 ? 61  GLU I CA 1 
ATOM 353 C CA . GLU C 3 62  ? 4.320   19.863  -19.597 1.00 39.00 ? 62  GLU I CA 1 
ATOM 354 C CA . TYR C 3 63  ? 4.504   16.975  -17.143 1.00 29.80 ? 63  TYR I CA 1 
ATOM 355 C CA . LEU C 3 64  ? 4.201   14.310  -19.582 1.00 42.91 ? 64  LEU I CA 1 
ATOM 356 C CA . GLN C 3 65  ? 7.608   14.871  -21.205 1.00 61.88 ? 65  GLN I CA 1 
# 
